data_3ABI
#
_entry.id   3ABI
#
_cell.length_a   75.291
_cell.length_b   113.011
_cell.length_c   122.456
_cell.angle_alpha   90.00
_cell.angle_beta   90.00
_cell.angle_gamma   90.00
#
_symmetry.space_group_name_H-M   'P 21 21 21'
#
loop_
_entity.id
_entity.type
_entity.pdbx_description
1 polymer 'Putative uncharacterized protein PH1688'
2 non-polymer 'SULFATE ION'
3 non-polymer NICOTINAMIDE-ADENINE-DINUCLEOTIDE
4 water water
#
_entity_poly.entity_id   1
_entity_poly.type   'polypeptide(L)'
_entity_poly.pdbx_seq_one_letter_code
;MNHKVHHHHHHIEGRHMKVLILGAGNIGRAIAWDLKDEFDVYIGDVNNENLEKVKEFATPLKVDASNFDKLVEVMKEFEL
VIGALPGFLGFKSIKAAIKSKVDMVDVSFMPENPLELRDEAEKAQVTIVFDAGFAPGLSNILMGRIFQELDLKEGYIYVG
GLPKDPKPPLYYKITWSPRDLIEEYTRPARVIRNGKVSKVDPLSEVKKVKIGKFEFEAFISDGLRSMLETINSERLEEWT
LRWPGHLEKIKVLRELGFFKPENLDFTLRVIEPLMRYETKDFSIMKVVGKGEEGEMEFFLYDEEDSMFSSMSRVTGFTAA
IISRIVAENTCTFGVIPPEILGMREDTFRRIIDELKERGISIEGT
;
_entity_poly.pdbx_strand_id   A,B
#
loop_
_chem_comp.id
_chem_comp.type
_chem_comp.name
_chem_comp.formula
NAD non-polymer NICOTINAMIDE-ADENINE-DINUCLEOTIDE 'C21 H27 N7 O14 P2'
SO4 non-polymer 'SULFATE ION' 'O4 S -2'
#
# COMPACT_ATOMS: atom_id res chain seq x y z
N HIS A 16 1.76 -43.07 30.37
CA HIS A 16 1.63 -41.72 29.87
C HIS A 16 0.19 -41.42 29.44
N MET A 17 -0.41 -40.39 30.02
CA MET A 17 -1.79 -40.00 29.70
C MET A 17 -1.99 -39.40 28.32
N LYS A 18 -3.22 -39.46 27.84
CA LYS A 18 -3.57 -38.96 26.53
C LYS A 18 -3.77 -37.44 26.51
N VAL A 19 -3.18 -36.79 25.53
CA VAL A 19 -3.32 -35.36 25.40
C VAL A 19 -3.63 -34.98 23.97
N LEU A 20 -4.52 -34.02 23.80
CA LEU A 20 -4.85 -33.56 22.47
C LEU A 20 -4.50 -32.10 22.27
N ILE A 21 -3.73 -31.83 21.24
CA ILE A 21 -3.32 -30.50 20.94
C ILE A 21 -4.10 -30.11 19.73
N LEU A 22 -4.69 -28.93 19.74
CA LEU A 22 -5.46 -28.48 18.61
C LEU A 22 -4.62 -27.53 17.82
N GLY A 23 -4.32 -27.91 16.60
CA GLY A 23 -3.54 -27.12 15.70
C GLY A 23 -2.12 -27.61 15.61
N ALA A 24 -1.68 -27.88 14.38
CA ALA A 24 -0.37 -28.43 14.11
C ALA A 24 0.49 -27.39 13.44
N GLY A 25 0.35 -26.19 13.93
CA GLY A 25 1.04 -25.06 13.43
C GLY A 25 2.38 -25.07 14.06
N ASN A 26 3.11 -24.02 13.89
CA ASN A 26 4.41 -23.99 14.46
C ASN A 26 4.38 -24.06 15.95
N ILE A 27 3.47 -23.38 16.59
CA ILE A 27 3.38 -23.45 18.03
C ILE A 27 2.99 -24.82 18.48
N GLY A 28 2.00 -25.39 17.84
CA GLY A 28 1.50 -26.69 18.19
C GLY A 28 2.50 -27.80 18.06
N ARG A 29 3.31 -27.73 17.03
CA ARG A 29 4.34 -28.70 16.80
C ARG A 29 5.39 -28.67 17.90
N ALA A 30 5.76 -27.49 18.36
CA ALA A 30 6.71 -27.33 19.44
C ALA A 30 6.22 -27.86 20.77
N ILE A 31 4.95 -27.67 21.03
CA ILE A 31 4.34 -28.19 22.22
C ILE A 31 4.38 -29.68 22.16
N ALA A 32 4.18 -30.22 20.98
CA ALA A 32 4.18 -31.64 20.79
C ALA A 32 5.52 -32.26 21.04
N TRP A 33 6.55 -31.61 20.55
CA TRP A 33 7.90 -32.07 20.72
C TRP A 33 8.28 -32.08 22.17
N ASP A 34 7.97 -31.01 22.84
CA ASP A 34 8.30 -30.92 24.24
C ASP A 34 7.62 -32.01 25.07
N LEU A 35 6.39 -32.34 24.76
CA LEU A 35 5.64 -33.30 25.52
C LEU A 35 5.64 -34.74 25.04
N LYS A 36 6.34 -35.02 23.96
CA LYS A 36 6.25 -36.30 23.32
C LYS A 36 6.61 -37.50 24.18
N ASP A 37 7.56 -37.37 25.06
CA ASP A 37 7.96 -38.48 25.91
C ASP A 37 7.27 -38.56 27.27
N GLU A 38 6.41 -37.63 27.59
CA GLU A 38 5.73 -37.67 28.89
C GLU A 38 4.26 -37.97 28.80
N PHE A 39 3.73 -37.82 27.61
CA PHE A 39 2.34 -38.01 27.38
C PHE A 39 2.21 -38.70 26.08
N ASP A 40 1.07 -39.29 25.82
CA ASP A 40 0.83 -39.92 24.55
C ASP A 40 0.10 -38.81 23.89
N VAL A 41 0.74 -38.16 22.95
CA VAL A 41 0.13 -36.99 22.40
C VAL A 41 -0.46 -37.13 21.03
N TYR A 42 -1.67 -36.61 20.92
CA TYR A 42 -2.39 -36.60 19.68
C TYR A 42 -2.53 -35.17 19.25
N ILE A 43 -2.28 -34.90 17.98
CA ILE A 43 -2.46 -33.57 17.49
C ILE A 43 -3.37 -33.55 16.26
N GLY A 44 -4.43 -32.76 16.35
CA GLY A 44 -5.39 -32.64 15.29
C GLY A 44 -5.31 -31.33 14.56
N ASP A 45 -5.44 -31.38 13.27
CA ASP A 45 -5.38 -30.22 12.48
C ASP A 45 -6.18 -30.49 11.24
N VAL A 46 -6.48 -29.45 10.51
CA VAL A 46 -7.19 -29.65 9.29
C VAL A 46 -6.26 -29.69 8.08
N ASN A 47 -5.00 -29.37 8.25
CA ASN A 47 -4.07 -29.38 7.13
C ASN A 47 -3.05 -30.49 7.20
N ASN A 48 -3.07 -31.36 6.20
CA ASN A 48 -2.23 -32.54 6.12
C ASN A 48 -0.76 -32.28 6.04
N GLU A 49 -0.42 -31.26 5.30
CA GLU A 49 0.96 -30.99 5.13
C GLU A 49 1.56 -30.72 6.49
N ASN A 50 0.86 -29.96 7.32
CA ASN A 50 1.31 -29.67 8.67
C ASN A 50 1.38 -30.90 9.56
N LEU A 51 0.41 -31.80 9.39
CA LEU A 51 0.33 -33.08 10.09
C LEU A 51 1.47 -34.02 9.72
N GLU A 52 1.91 -33.89 8.48
CA GLU A 52 3.02 -34.70 7.99
C GLU A 52 4.24 -34.39 8.80
N LYS A 53 4.36 -33.14 9.21
CA LYS A 53 5.49 -32.70 9.99
C LYS A 53 5.57 -33.37 11.31
N VAL A 54 4.43 -33.66 11.89
CA VAL A 54 4.41 -34.26 13.21
C VAL A 54 4.21 -35.75 13.38
N LYS A 55 4.13 -36.52 12.33
CA LYS A 55 3.85 -37.95 12.48
C LYS A 55 4.84 -38.71 13.32
N GLU A 56 6.09 -38.31 13.24
CA GLU A 56 7.12 -38.97 13.99
C GLU A 56 7.00 -38.85 15.50
N PHE A 57 6.53 -37.74 16.02
CA PHE A 57 6.39 -37.63 17.47
C PHE A 57 5.00 -37.53 18.08
N ALA A 58 3.98 -37.41 17.29
CA ALA A 58 2.64 -37.37 17.84
C ALA A 58 1.74 -38.06 16.87
N THR A 59 0.61 -38.54 17.32
CA THR A 59 -0.28 -39.21 16.41
C THR A 59 -1.24 -38.19 15.89
N PRO A 60 -1.22 -37.99 14.58
CA PRO A 60 -2.07 -37.03 13.91
C PRO A 60 -3.51 -37.43 13.75
N LEU A 61 -4.38 -36.44 13.83
CA LEU A 61 -5.79 -36.64 13.68
C LEU A 61 -6.31 -35.60 12.73
N LYS A 62 -7.24 -35.96 11.89
CA LYS A 62 -7.79 -34.99 10.99
C LYS A 62 -8.97 -34.50 11.74
N VAL A 63 -8.88 -33.28 12.25
CA VAL A 63 -9.94 -32.70 13.02
C VAL A 63 -10.25 -31.29 12.58
N ASP A 64 -11.52 -30.94 12.52
CA ASP A 64 -11.87 -29.57 12.23
C ASP A 64 -12.49 -28.92 13.45
N ALA A 65 -11.73 -28.07 14.10
CA ALA A 65 -12.12 -27.46 15.33
C ALA A 65 -13.25 -26.56 15.03
N SER A 66 -13.47 -26.35 13.75
CA SER A 66 -14.52 -25.51 13.26
C SER A 66 -15.86 -26.04 13.64
N ASN A 67 -15.97 -27.35 13.66
CA ASN A 67 -17.22 -28.02 13.93
C ASN A 67 -17.34 -28.42 15.35
N PHE A 68 -18.09 -27.64 16.11
CA PHE A 68 -18.17 -27.79 17.52
C PHE A 68 -18.71 -29.07 18.10
N ASP A 69 -19.85 -29.54 17.67
CA ASP A 69 -20.35 -30.76 18.28
C ASP A 69 -19.39 -31.89 18.01
N LYS A 70 -18.83 -31.90 16.83
CA LYS A 70 -17.85 -32.89 16.44
C LYS A 70 -16.60 -32.81 17.29
N LEU A 71 -16.15 -31.59 17.55
CA LEU A 71 -14.96 -31.38 18.32
C LEU A 71 -15.09 -31.88 19.74
N VAL A 72 -16.22 -31.62 20.37
CA VAL A 72 -16.37 -32.06 21.73
C VAL A 72 -16.31 -33.56 21.81
N GLU A 73 -16.81 -34.26 20.80
CA GLU A 73 -16.79 -35.70 20.80
C GLU A 73 -15.38 -36.25 20.80
N VAL A 74 -14.52 -35.63 20.03
CA VAL A 74 -13.15 -36.04 19.99
C VAL A 74 -12.55 -35.82 21.35
N MET A 75 -12.93 -34.75 21.98
CA MET A 75 -12.39 -34.36 23.27
C MET A 75 -12.61 -35.33 24.42
N LYS A 76 -13.70 -36.06 24.44
CA LYS A 76 -14.01 -36.96 25.55
C LYS A 76 -12.96 -38.02 25.76
N GLU A 77 -12.30 -38.40 24.69
CA GLU A 77 -11.27 -39.40 24.73
C GLU A 77 -10.07 -39.00 25.57
N PHE A 78 -9.71 -37.72 25.52
CA PHE A 78 -8.54 -37.21 26.19
C PHE A 78 -8.78 -36.62 27.55
N GLU A 79 -7.73 -36.54 28.33
CA GLU A 79 -7.78 -35.93 29.63
C GLU A 79 -7.21 -34.53 29.65
N LEU A 80 -6.57 -34.14 28.58
CA LEU A 80 -6.09 -32.80 28.51
C LEU A 80 -6.08 -32.36 27.09
N VAL A 81 -6.43 -31.11 26.87
CA VAL A 81 -6.34 -30.52 25.56
C VAL A 81 -5.54 -29.24 25.63
N ILE A 82 -4.75 -29.01 24.61
CA ILE A 82 -3.95 -27.84 24.52
C ILE A 82 -4.34 -27.17 23.24
N GLY A 83 -4.71 -25.91 23.30
CA GLY A 83 -5.14 -25.22 22.11
C GLY A 83 -4.11 -24.37 21.44
N ALA A 84 -3.89 -24.63 20.17
CA ALA A 84 -2.91 -23.93 19.39
C ALA A 84 -3.49 -23.48 18.06
N LEU A 85 -4.77 -23.18 18.06
CA LEU A 85 -5.47 -22.72 16.89
C LEU A 85 -5.30 -21.25 16.65
N PRO A 86 -5.72 -20.83 15.49
CA PRO A 86 -5.70 -19.45 15.12
C PRO A 86 -6.65 -18.84 16.09
N GLY A 87 -6.53 -17.55 16.33
CA GLY A 87 -7.28 -16.86 17.32
C GLY A 87 -8.77 -16.88 17.16
N PHE A 88 -9.22 -16.79 15.93
CA PHE A 88 -10.64 -16.78 15.70
C PHE A 88 -11.31 -18.04 16.20
N LEU A 89 -10.57 -19.13 16.23
CA LEU A 89 -11.12 -20.39 16.64
C LEU A 89 -11.04 -20.75 18.10
N GLY A 90 -10.28 -20.00 18.86
CA GLY A 90 -10.05 -20.32 20.25
C GLY A 90 -11.16 -20.34 21.26
N PHE A 91 -12.05 -19.38 21.21
CA PHE A 91 -13.09 -19.33 22.19
C PHE A 91 -13.99 -20.55 22.12
N LYS A 92 -14.27 -21.00 20.92
CA LYS A 92 -15.10 -22.16 20.72
C LYS A 92 -14.45 -23.40 21.28
N SER A 93 -13.16 -23.54 21.08
CA SER A 93 -12.44 -24.71 21.55
C SER A 93 -12.47 -24.75 23.04
N ILE A 94 -12.38 -23.59 23.65
CA ILE A 94 -12.45 -23.52 25.06
C ILE A 94 -13.81 -23.99 25.44
N LYS A 95 -14.80 -23.58 24.69
CA LYS A 95 -16.15 -23.94 25.00
C LYS A 95 -16.32 -25.42 24.91
N ALA A 96 -15.72 -26.02 23.90
CA ALA A 96 -15.82 -27.44 23.71
C ALA A 96 -15.21 -28.19 24.84
N ALA A 97 -14.07 -27.73 25.29
CA ALA A 97 -13.38 -28.43 26.33
C ALA A 97 -14.23 -28.46 27.55
N ILE A 98 -14.82 -27.34 27.89
CA ILE A 98 -15.65 -27.25 29.06
C ILE A 98 -16.86 -28.12 28.94
N LYS A 99 -17.50 -28.10 27.80
CA LYS A 99 -18.66 -28.91 27.67
C LYS A 99 -18.22 -30.34 27.78
N SER A 100 -17.09 -30.64 27.19
CA SER A 100 -16.63 -32.01 27.14
C SER A 100 -15.96 -32.40 28.44
N LYS A 101 -15.87 -31.44 29.35
CA LYS A 101 -15.30 -31.65 30.65
C LYS A 101 -13.85 -32.08 30.75
N VAL A 102 -13.00 -31.48 29.93
CA VAL A 102 -11.60 -31.79 29.93
C VAL A 102 -10.84 -30.53 30.25
N ASP A 103 -9.79 -30.65 31.02
CA ASP A 103 -8.95 -29.52 31.36
C ASP A 103 -8.26 -29.01 30.12
N MET A 104 -8.09 -27.71 30.01
CA MET A 104 -7.43 -27.14 28.85
C MET A 104 -6.40 -26.03 29.11
N VAL A 105 -5.33 -26.02 28.35
CA VAL A 105 -4.38 -24.95 28.37
C VAL A 105 -4.44 -24.39 26.97
N ASP A 106 -4.70 -23.11 26.84
CA ASP A 106 -4.85 -22.52 25.53
C ASP A 106 -3.92 -21.39 25.26
N VAL A 107 -3.39 -21.36 24.05
CA VAL A 107 -2.44 -20.36 23.64
C VAL A 107 -2.94 -19.42 22.57
N SER A 108 -4.09 -19.71 22.01
CA SER A 108 -4.59 -18.92 20.90
C SER A 108 -4.85 -17.51 21.26
N PHE A 109 -4.56 -16.61 20.35
CA PHE A 109 -4.76 -15.19 20.60
C PHE A 109 -6.17 -14.77 20.31
N MET A 110 -7.12 -15.33 21.02
CA MET A 110 -8.51 -15.03 20.80
C MET A 110 -8.91 -13.62 21.20
N PRO A 111 -9.77 -13.01 20.40
CA PRO A 111 -10.36 -11.71 20.65
C PRO A 111 -11.33 -11.66 21.81
N GLU A 112 -12.12 -12.70 21.97
CA GLU A 112 -13.09 -12.78 23.02
C GLU A 112 -12.45 -13.03 24.36
N ASN A 113 -13.18 -12.76 25.42
CA ASN A 113 -12.66 -12.93 26.76
C ASN A 113 -13.04 -14.27 27.35
N PRO A 114 -12.03 -15.05 27.70
CA PRO A 114 -12.18 -16.38 28.25
C PRO A 114 -12.86 -16.40 29.60
N LEU A 115 -12.76 -15.34 30.35
CA LEU A 115 -13.35 -15.24 31.65
C LEU A 115 -14.86 -15.21 31.59
N GLU A 116 -15.41 -15.01 30.41
CA GLU A 116 -16.84 -15.06 30.25
C GLU A 116 -17.33 -16.45 30.55
N LEU A 117 -16.43 -17.41 30.43
CA LEU A 117 -16.71 -18.82 30.55
C LEU A 117 -16.40 -19.39 31.91
N ARG A 118 -16.11 -18.53 32.84
CA ARG A 118 -15.67 -18.90 34.15
C ARG A 118 -16.66 -19.75 34.94
N ASP A 119 -17.91 -19.36 34.94
CA ASP A 119 -18.92 -20.13 35.63
C ASP A 119 -19.09 -21.49 35.06
N GLU A 120 -19.18 -21.56 33.76
CA GLU A 120 -19.40 -22.82 33.14
C GLU A 120 -18.23 -23.72 33.47
N ALA A 121 -17.04 -23.18 33.45
CA ALA A 121 -15.87 -23.96 33.79
C ALA A 121 -15.84 -24.43 35.24
N GLU A 122 -16.20 -23.54 36.16
CA GLU A 122 -16.19 -23.91 37.55
C GLU A 122 -17.21 -24.99 37.80
N LYS A 123 -18.38 -24.81 37.23
CA LYS A 123 -19.46 -25.73 37.43
C LYS A 123 -19.12 -27.09 36.88
N ALA A 124 -18.46 -27.11 35.75
CA ALA A 124 -18.11 -28.33 35.09
C ALA A 124 -16.90 -28.90 35.72
N GLN A 125 -16.33 -28.19 36.65
CA GLN A 125 -15.14 -28.68 37.31
C GLN A 125 -13.97 -29.05 36.39
N VAL A 126 -13.55 -28.12 35.58
CA VAL A 126 -12.38 -28.32 34.77
C VAL A 126 -11.60 -27.08 34.97
N THR A 127 -10.31 -27.13 34.73
CA THR A 127 -9.56 -25.92 34.85
C THR A 127 -9.01 -25.57 33.49
N ILE A 128 -9.12 -24.29 33.15
CA ILE A 128 -8.64 -23.78 31.89
C ILE A 128 -7.69 -22.65 32.09
N VAL A 129 -6.52 -22.74 31.49
CA VAL A 129 -5.57 -21.66 31.56
C VAL A 129 -5.46 -21.16 30.16
N PHE A 130 -5.61 -19.87 30.02
CA PHE A 130 -5.62 -19.22 28.75
C PHE A 130 -4.46 -18.25 28.60
N ASP A 131 -4.17 -17.88 27.39
CA ASP A 131 -3.10 -16.97 27.05
C ASP A 131 -1.80 -17.47 27.54
N ALA A 132 -1.57 -18.76 27.40
CA ALA A 132 -0.36 -19.37 27.87
C ALA A 132 0.80 -19.42 26.92
N GLY A 133 1.22 -18.29 26.38
CA GLY A 133 2.31 -18.24 25.46
C GLY A 133 3.39 -17.35 25.96
N PHE A 134 4.15 -16.78 25.05
CA PHE A 134 5.20 -15.85 25.40
C PHE A 134 4.66 -14.52 25.91
N ALA A 135 3.85 -13.83 25.14
CA ALA A 135 3.20 -12.63 25.62
C ALA A 135 1.90 -12.41 24.89
N PRO A 136 0.77 -12.64 25.51
CA PRO A 136 0.59 -12.99 26.90
C PRO A 136 1.02 -14.38 27.25
N GLY A 137 1.09 -14.68 28.53
CA GLY A 137 1.60 -15.93 28.95
C GLY A 137 2.68 -15.66 29.91
N LEU A 138 3.90 -15.90 29.49
CA LEU A 138 5.08 -15.75 30.30
C LEU A 138 5.17 -14.33 30.72
N SER A 139 4.65 -13.49 29.88
CA SER A 139 4.61 -12.10 30.11
C SER A 139 3.82 -11.81 31.38
N ASN A 140 2.62 -12.34 31.46
CA ASN A 140 1.73 -12.17 32.59
C ASN A 140 2.30 -12.76 33.85
N ILE A 141 2.91 -13.91 33.70
CA ILE A 141 3.44 -14.63 34.78
C ILE A 141 4.52 -13.85 35.48
N LEU A 142 5.39 -13.20 34.74
CA LEU A 142 6.41 -12.37 35.35
C LEU A 142 5.84 -11.17 36.07
N MET A 143 4.81 -10.56 35.51
CA MET A 143 4.13 -9.45 36.12
C MET A 143 3.41 -9.79 37.41
N GLY A 144 2.79 -10.96 37.44
CA GLY A 144 2.09 -11.41 38.60
C GLY A 144 3.04 -11.58 39.72
N ARG A 145 4.21 -12.07 39.39
CA ARG A 145 5.25 -12.24 40.36
C ARG A 145 5.69 -10.92 40.91
N ILE A 146 5.87 -9.95 40.06
CA ILE A 146 6.23 -8.64 40.50
C ILE A 146 5.13 -8.06 41.33
N PHE A 147 3.90 -8.35 40.94
CA PHE A 147 2.75 -7.83 41.61
C PHE A 147 2.68 -8.33 43.04
N GLN A 148 2.97 -9.59 43.27
CA GLN A 148 3.04 -10.11 44.61
C GLN A 148 4.22 -9.59 45.38
N GLU A 149 5.39 -9.60 44.78
CA GLU A 149 6.61 -9.18 45.46
C GLU A 149 6.74 -7.70 45.71
N LEU A 150 5.91 -6.90 45.09
CA LEU A 150 6.02 -5.48 45.19
C LEU A 150 4.68 -4.89 45.43
N ASP A 151 4.63 -3.70 45.98
CA ASP A 151 3.39 -2.97 46.07
C ASP A 151 3.49 -2.20 44.78
N LEU A 152 3.05 -2.82 43.70
CA LEU A 152 3.23 -2.32 42.36
C LEU A 152 2.54 -1.03 42.07
N LYS A 153 3.30 -0.06 41.61
CA LYS A 153 2.73 1.19 41.17
C LYS A 153 2.60 1.23 39.67
N GLU A 154 3.68 0.89 38.98
CA GLU A 154 3.73 0.91 37.54
C GLU A 154 4.36 -0.32 36.98
N GLY A 155 3.79 -0.84 35.92
CA GLY A 155 4.31 -1.99 35.22
C GLY A 155 4.52 -1.80 33.74
N TYR A 156 5.68 -2.21 33.25
CA TYR A 156 6.02 -2.15 31.84
C TYR A 156 6.55 -3.42 31.26
N ILE A 157 6.07 -3.76 30.09
CA ILE A 157 6.52 -4.92 29.38
C ILE A 157 7.01 -4.50 28.03
N TYR A 158 8.20 -4.93 27.66
CA TYR A 158 8.70 -4.63 26.35
C TYR A 158 8.95 -5.96 25.75
N VAL A 159 8.33 -6.25 24.64
CA VAL A 159 8.53 -7.54 24.09
C VAL A 159 8.55 -7.58 22.57
N GLY A 160 9.34 -8.45 22.00
CA GLY A 160 9.34 -8.63 20.56
C GLY A 160 9.87 -9.93 20.05
N GLY A 161 9.32 -10.43 18.98
CA GLY A 161 9.86 -11.58 18.32
C GLY A 161 10.38 -11.03 17.02
N LEU A 162 11.68 -11.06 16.82
CA LEU A 162 12.29 -10.44 15.66
C LEU A 162 13.32 -11.25 14.93
N PRO A 163 13.54 -10.88 13.69
CA PRO A 163 14.54 -11.51 12.86
C PRO A 163 15.93 -11.07 13.22
N LYS A 164 16.84 -12.00 13.26
CA LYS A 164 18.20 -11.71 13.59
C LYS A 164 18.79 -10.79 12.57
N ASP A 165 18.48 -11.04 11.31
CA ASP A 165 18.93 -10.18 10.23
C ASP A 165 17.76 -9.57 9.52
N PRO A 166 17.30 -8.43 9.99
CA PRO A 166 16.16 -7.79 9.36
C PRO A 166 16.43 -7.32 7.95
N LYS A 167 15.43 -7.41 7.10
CA LYS A 167 15.63 -6.98 5.75
C LYS A 167 14.44 -6.27 5.15
N PRO A 168 14.74 -5.41 4.20
CA PRO A 168 13.76 -4.59 3.55
C PRO A 168 12.90 -5.43 2.71
N PRO A 169 11.72 -4.94 2.41
CA PRO A 169 11.32 -3.61 2.84
C PRO A 169 10.61 -3.53 4.18
N LEU A 170 10.25 -4.66 4.77
CA LEU A 170 9.50 -4.67 6.00
C LEU A 170 10.26 -4.96 7.29
N TYR A 171 11.47 -5.48 7.19
CA TYR A 171 12.31 -5.68 8.35
C TYR A 171 11.72 -6.53 9.43
N TYR A 172 11.00 -7.55 9.03
CA TYR A 172 10.35 -8.41 9.97
C TYR A 172 10.29 -9.80 9.41
N LYS A 173 10.32 -10.81 10.27
CA LYS A 173 10.21 -12.20 9.88
C LYS A 173 8.96 -12.79 10.45
N ILE A 174 8.14 -13.43 9.64
CA ILE A 174 6.90 -13.99 10.12
C ILE A 174 7.18 -15.30 10.82
N THR A 175 6.80 -15.40 12.08
CA THR A 175 7.01 -16.61 12.82
C THR A 175 5.75 -17.21 13.39
N TRP A 176 4.69 -16.46 13.40
CA TRP A 176 3.47 -16.88 14.04
C TRP A 176 2.35 -16.25 13.29
N SER A 177 1.14 -16.72 13.51
CA SER A 177 0.03 -16.40 12.67
C SER A 177 -0.15 -14.94 12.36
N PRO A 178 -0.04 -14.64 11.08
CA PRO A 178 -0.17 -13.29 10.56
C PRO A 178 -1.50 -12.61 10.70
N ARG A 179 -2.61 -13.32 10.68
CA ARG A 179 -3.87 -12.64 10.86
C ARG A 179 -3.89 -12.05 12.21
N ASP A 180 -3.42 -12.82 13.16
CA ASP A 180 -3.36 -12.40 14.54
C ASP A 180 -2.39 -11.27 14.75
N LEU A 181 -1.30 -11.31 14.01
CA LEU A 181 -0.28 -10.30 14.03
C LEU A 181 -0.76 -8.94 13.58
N ILE A 182 -1.51 -8.89 12.50
CA ILE A 182 -1.98 -7.63 11.95
C ILE A 182 -2.90 -6.91 12.89
N GLU A 183 -3.53 -7.68 13.76
CA GLU A 183 -4.45 -7.19 14.75
C GLU A 183 -3.78 -6.31 15.75
N GLU A 184 -2.50 -6.49 15.92
CA GLU A 184 -1.75 -5.66 16.79
C GLU A 184 -1.75 -4.22 16.29
N TYR A 185 -1.85 -4.05 15.00
CA TYR A 185 -1.80 -2.75 14.39
C TYR A 185 -3.12 -2.12 14.09
N THR A 186 -4.15 -2.93 14.14
CA THR A 186 -5.44 -2.56 13.62
C THR A 186 -6.55 -2.19 14.60
N ARG A 187 -6.30 -2.40 15.87
CA ARG A 187 -7.28 -2.11 16.86
C ARG A 187 -6.57 -1.40 17.96
N PRO A 188 -7.33 -0.79 18.84
CA PRO A 188 -6.78 -0.01 19.93
C PRO A 188 -5.99 -0.85 20.88
N ALA A 189 -5.09 -0.21 21.60
CA ALA A 189 -4.26 -0.87 22.54
C ALA A 189 -4.63 -0.29 23.85
N ARG A 190 -4.90 -1.12 24.82
CA ARG A 190 -5.29 -0.58 26.08
C ARG A 190 -4.24 -0.67 27.14
N VAL A 191 -4.22 0.34 27.98
CA VAL A 191 -3.26 0.51 29.01
C VAL A 191 -3.99 0.88 30.23
N ILE A 192 -3.29 0.93 31.33
CA ILE A 192 -3.87 1.43 32.53
C ILE A 192 -3.15 2.70 32.80
N ARG A 193 -3.87 3.80 32.74
CA ARG A 193 -3.29 5.08 33.02
C ARG A 193 -4.09 5.74 34.14
N ASN A 194 -3.39 6.24 35.13
CA ASN A 194 -4.02 6.86 36.27
C ASN A 194 -4.99 5.91 36.93
N GLY A 195 -4.65 4.64 36.93
CA GLY A 195 -5.45 3.65 37.59
C GLY A 195 -6.60 3.13 36.80
N LYS A 196 -6.82 3.65 35.62
CA LYS A 196 -7.94 3.18 34.82
C LYS A 196 -7.51 2.69 33.48
N VAL A 197 -8.34 1.87 32.88
CA VAL A 197 -8.09 1.41 31.55
C VAL A 197 -8.32 2.53 30.56
N SER A 198 -7.43 2.65 29.59
CA SER A 198 -7.46 3.68 28.58
C SER A 198 -7.06 3.07 27.26
N LYS A 199 -7.47 3.67 26.16
CA LYS A 199 -7.15 3.15 24.84
C LYS A 199 -6.35 4.11 24.00
N VAL A 200 -5.43 3.59 23.22
CA VAL A 200 -4.64 4.38 22.31
C VAL A 200 -4.58 3.72 20.97
N ASP A 201 -4.16 4.45 19.97
CA ASP A 201 -3.98 3.92 18.65
C ASP A 201 -2.55 3.47 18.71
N PRO A 202 -2.31 2.20 18.47
CA PRO A 202 -1.01 1.59 18.62
C PRO A 202 0.01 2.21 17.71
N LEU A 203 -0.44 2.47 16.51
CA LEU A 203 0.35 3.06 15.49
C LEU A 203 0.64 4.50 15.78
N SER A 204 -0.21 5.14 16.54
CA SER A 204 0.01 6.53 16.79
C SER A 204 1.22 6.85 17.60
N GLU A 205 1.48 6.20 18.72
CA GLU A 205 2.71 6.52 19.40
C GLU A 205 3.80 5.46 19.40
N VAL A 206 4.82 5.74 18.60
CA VAL A 206 5.97 4.91 18.38
C VAL A 206 7.21 5.61 18.88
N LYS A 207 7.99 4.96 19.70
CA LYS A 207 9.20 5.57 20.20
C LYS A 207 10.42 4.68 20.09
N LYS A 208 11.59 5.29 20.24
CA LYS A 208 12.83 4.59 20.21
C LYS A 208 13.13 4.07 21.57
N VAL A 209 13.49 2.83 21.66
CA VAL A 209 13.92 2.30 22.92
C VAL A 209 15.17 1.52 22.61
N LYS A 210 16.14 1.56 23.48
CA LYS A 210 17.32 0.78 23.27
C LYS A 210 17.44 -0.24 24.38
N ILE A 211 17.61 -1.49 24.02
CA ILE A 211 17.79 -2.50 25.03
C ILE A 211 19.05 -3.24 24.71
N GLY A 212 20.03 -3.13 25.59
CA GLY A 212 21.31 -3.72 25.35
C GLY A 212 21.85 -3.17 24.06
N LYS A 213 22.37 -4.04 23.23
CA LYS A 213 22.88 -3.63 21.95
C LYS A 213 21.87 -3.15 20.94
N PHE A 214 20.64 -3.58 21.05
CA PHE A 214 19.61 -3.26 20.08
C PHE A 214 18.90 -1.93 20.13
N GLU A 215 18.61 -1.40 18.95
CA GLU A 215 17.80 -0.22 18.81
C GLU A 215 16.51 -0.56 18.11
N PHE A 216 15.42 -0.25 18.79
CA PHE A 216 14.12 -0.64 18.34
C PHE A 216 13.18 0.50 18.28
N GLU A 217 12.04 0.23 17.70
CA GLU A 217 10.94 1.14 17.66
C GLU A 217 9.90 0.39 18.42
N ALA A 218 9.19 1.06 19.29
CA ALA A 218 8.23 0.38 20.11
C ALA A 218 6.91 1.05 20.06
N PHE A 219 5.88 0.25 20.07
CA PHE A 219 4.56 0.77 20.02
C PHE A 219 3.71 0.16 21.11
N ILE A 220 2.73 0.89 21.55
CA ILE A 220 1.85 0.39 22.56
C ILE A 220 0.90 -0.60 21.95
N SER A 221 0.84 -1.77 22.54
CA SER A 221 0.05 -2.86 22.06
C SER A 221 -0.94 -3.35 23.11
N ASP A 222 -1.86 -4.18 22.67
CA ASP A 222 -3.01 -4.68 23.39
C ASP A 222 -2.81 -6.02 24.07
N GLY A 223 -1.58 -6.34 24.37
CA GLY A 223 -1.19 -7.57 25.00
C GLY A 223 -1.47 -7.77 26.45
N LEU A 224 -1.79 -6.71 27.15
CA LEU A 224 -2.05 -6.79 28.57
C LEU A 224 -3.21 -7.70 28.85
N ARG A 225 -4.29 -7.55 28.14
CA ARG A 225 -5.40 -8.45 28.25
C ARG A 225 -5.98 -8.62 29.64
N SER A 226 -5.90 -9.81 30.19
CA SER A 226 -6.45 -10.09 31.48
C SER A 226 -5.80 -9.32 32.61
N MET A 227 -4.59 -8.87 32.40
CA MET A 227 -3.86 -8.14 33.39
C MET A 227 -4.52 -6.83 33.70
N LEU A 228 -5.33 -6.36 32.78
CA LEU A 228 -6.02 -5.11 32.96
C LEU A 228 -6.91 -5.13 34.17
N GLU A 229 -7.58 -6.24 34.41
CA GLU A 229 -8.41 -6.33 35.57
C GLU A 229 -7.68 -6.98 36.72
N THR A 230 -6.85 -7.93 36.38
CA THR A 230 -6.05 -8.67 37.33
C THR A 230 -4.93 -7.96 38.09
N ILE A 231 -4.18 -7.09 37.45
CA ILE A 231 -3.07 -6.45 38.09
C ILE A 231 -3.46 -5.04 38.43
N ASN A 232 -3.54 -4.72 39.70
CA ASN A 232 -3.97 -3.42 40.13
C ASN A 232 -2.78 -2.53 40.30
N SER A 233 -2.62 -1.58 39.40
CA SER A 233 -1.50 -0.70 39.49
C SER A 233 -1.94 0.58 38.91
N GLU A 234 -1.20 1.64 39.16
CA GLU A 234 -1.53 2.89 38.56
C GLU A 234 -1.28 2.93 37.06
N ARG A 235 -0.18 2.36 36.64
CA ARG A 235 0.21 2.36 35.24
C ARG A 235 0.60 1.01 34.74
N LEU A 236 0.00 0.56 33.67
CA LEU A 236 0.39 -0.69 33.08
C LEU A 236 0.43 -0.59 31.56
N GLU A 237 1.57 -0.84 30.96
CA GLU A 237 1.69 -0.81 29.52
C GLU A 237 2.55 -1.90 28.95
N GLU A 238 2.20 -2.41 27.79
CA GLU A 238 3.05 -3.33 27.07
C GLU A 238 3.44 -2.70 25.77
N TRP A 239 4.71 -2.78 25.45
CA TRP A 239 5.21 -2.19 24.25
C TRP A 239 5.76 -3.25 23.38
N THR A 240 5.40 -3.25 22.12
CA THR A 240 5.93 -4.25 21.21
C THR A 240 7.11 -3.69 20.46
N LEU A 241 8.14 -4.49 20.30
CA LEU A 241 9.38 -4.10 19.68
C LEU A 241 9.51 -4.46 18.20
N ARG A 242 9.99 -3.50 17.43
CA ARG A 242 10.17 -3.67 16.01
C ARG A 242 11.48 -3.07 15.50
N TRP A 243 11.95 -3.56 14.38
CA TRP A 243 13.11 -2.99 13.75
C TRP A 243 12.56 -1.76 13.10
N PRO A 244 13.35 -0.74 12.98
CA PRO A 244 12.88 0.47 12.37
C PRO A 244 12.56 0.25 10.92
N GLY A 245 11.62 1.02 10.45
CA GLY A 245 11.20 0.95 9.09
C GLY A 245 10.02 0.07 8.94
N HIS A 246 9.76 -0.79 9.88
CA HIS A 246 8.57 -1.57 9.75
C HIS A 246 7.24 -0.85 9.96
N LEU A 247 7.09 -0.14 11.06
CA LEU A 247 5.83 0.47 11.40
C LEU A 247 5.25 1.58 10.50
N GLU A 248 6.10 2.43 9.97
CA GLU A 248 5.66 3.50 9.09
C GLU A 248 5.00 2.94 7.85
N LYS A 249 5.54 1.89 7.30
CA LYS A 249 4.94 1.26 6.15
C LYS A 249 3.61 0.63 6.46
N ILE A 250 3.51 0.00 7.60
CA ILE A 250 2.29 -0.62 8.05
C ILE A 250 1.20 0.41 8.23
N LYS A 251 1.57 1.56 8.74
CA LYS A 251 0.62 2.60 8.98
C LYS A 251 -0.02 3.09 7.70
N VAL A 252 0.77 3.25 6.66
CA VAL A 252 0.18 3.69 5.42
C VAL A 252 -0.77 2.69 4.86
N LEU A 253 -0.48 1.41 4.99
CA LEU A 253 -1.41 0.43 4.48
C LEU A 253 -2.72 0.52 5.21
N ARG A 254 -2.65 0.71 6.51
CA ARG A 254 -3.81 0.77 7.34
C ARG A 254 -4.62 1.95 6.95
N GLU A 255 -3.95 3.05 6.69
CA GLU A 255 -4.59 4.26 6.31
C GLU A 255 -5.39 4.12 5.04
N LEU A 256 -4.92 3.29 4.16
CA LEU A 256 -5.53 3.11 2.86
C LEU A 256 -6.58 2.03 2.86
N GLY A 257 -6.86 1.45 4.00
CA GLY A 257 -7.88 0.44 4.07
C GLY A 257 -7.47 -0.94 3.72
N PHE A 258 -6.19 -1.15 3.54
CA PHE A 258 -5.72 -2.44 3.16
C PHE A 258 -5.95 -3.49 4.20
N PHE A 259 -6.17 -3.09 5.44
CA PHE A 259 -6.38 -4.06 6.49
C PHE A 259 -7.83 -4.30 6.80
N LYS A 260 -8.70 -3.67 6.05
CA LYS A 260 -10.11 -3.90 6.24
C LYS A 260 -10.28 -5.33 5.89
N PRO A 261 -11.29 -5.94 6.49
CA PRO A 261 -11.53 -7.36 6.38
C PRO A 261 -11.74 -7.71 4.95
N GLU A 262 -12.33 -6.80 4.19
CA GLU A 262 -12.59 -7.04 2.80
C GLU A 262 -11.30 -7.28 2.06
N ASN A 263 -10.26 -6.52 2.35
CA ASN A 263 -9.00 -6.68 1.64
C ASN A 263 -7.85 -7.36 2.35
N LEU A 264 -8.04 -7.75 3.59
CA LEU A 264 -6.95 -8.27 4.35
C LEU A 264 -6.30 -9.49 3.73
N ASP A 265 -7.10 -10.38 3.19
CA ASP A 265 -6.56 -11.56 2.60
C ASP A 265 -5.68 -11.23 1.42
N PHE A 266 -6.13 -10.29 0.63
CA PHE A 266 -5.37 -9.84 -0.49
C PHE A 266 -4.08 -9.17 -0.07
N THR A 267 -4.14 -8.30 0.91
CA THR A 267 -2.94 -7.60 1.30
C THR A 267 -1.88 -8.51 1.86
N LEU A 268 -2.30 -9.52 2.58
CA LEU A 268 -1.39 -10.47 3.17
C LEU A 268 -0.65 -11.27 2.13
N ARG A 269 -1.36 -11.53 1.06
CA ARG A 269 -0.81 -12.27 -0.02
C ARG A 269 0.36 -11.50 -0.55
N VAL A 270 0.21 -10.19 -0.68
CA VAL A 270 1.30 -9.37 -1.18
C VAL A 270 2.47 -9.22 -0.25
N ILE A 271 2.20 -8.81 0.97
CA ILE A 271 3.20 -8.60 2.00
C ILE A 271 3.87 -9.74 2.71
N GLU A 272 3.18 -10.86 2.84
CA GLU A 272 3.67 -11.99 3.60
C GLU A 272 4.96 -12.56 3.09
N PRO A 273 5.13 -12.62 1.79
CA PRO A 273 6.34 -13.11 1.17
C PRO A 273 7.54 -12.26 1.47
N LEU A 274 7.33 -10.98 1.64
CA LEU A 274 8.36 -10.03 1.98
C LEU A 274 8.92 -10.32 3.34
N MET A 275 8.11 -10.95 4.15
CA MET A 275 8.46 -11.24 5.52
C MET A 275 8.81 -12.68 5.74
N ARG A 276 9.06 -13.36 4.67
CA ARG A 276 9.37 -14.76 4.72
C ARG A 276 10.66 -14.95 3.99
N TYR A 277 11.77 -14.64 4.62
CA TYR A 277 13.04 -14.79 3.97
C TYR A 277 13.81 -15.51 5.01
N GLU A 278 15.01 -15.93 4.69
CA GLU A 278 15.76 -16.74 5.59
C GLU A 278 16.56 -15.92 6.57
N THR A 279 16.22 -16.08 7.83
CA THR A 279 16.94 -15.49 8.92
C THR A 279 16.59 -16.25 10.17
N LYS A 280 17.47 -16.22 11.14
CA LYS A 280 17.18 -16.77 12.43
C LYS A 280 16.37 -15.72 13.15
N ASP A 281 15.68 -16.09 14.20
CA ASP A 281 14.88 -15.16 14.93
C ASP A 281 15.25 -15.18 16.37
N PHE A 282 14.84 -14.18 17.10
CA PHE A 282 15.15 -14.12 18.49
C PHE A 282 13.98 -13.60 19.25
N SER A 283 14.00 -13.82 20.55
CA SER A 283 12.95 -13.35 21.42
C SER A 283 13.54 -12.43 22.43
N ILE A 284 12.93 -11.29 22.63
CA ILE A 284 13.39 -10.38 23.63
C ILE A 284 12.25 -9.86 24.47
N MET A 285 12.39 -9.95 25.77
CA MET A 285 11.42 -9.41 26.70
C MET A 285 12.08 -8.71 27.87
N LYS A 286 11.54 -7.59 28.25
CA LYS A 286 11.98 -6.89 29.42
C LYS A 286 10.77 -6.53 30.23
N VAL A 287 10.76 -6.88 31.49
CA VAL A 287 9.62 -6.54 32.32
C VAL A 287 10.03 -5.68 33.48
N VAL A 288 9.39 -4.54 33.65
CA VAL A 288 9.76 -3.65 34.71
C VAL A 288 8.62 -3.38 35.67
N GLY A 289 8.90 -3.47 36.95
CA GLY A 289 7.90 -3.19 37.93
C GLY A 289 8.38 -2.15 38.89
N LYS A 290 7.56 -1.15 39.14
CA LYS A 290 7.91 -0.13 40.09
C LYS A 290 6.97 -0.07 41.26
N GLY A 291 7.55 -0.04 42.44
CA GLY A 291 6.83 -0.05 43.69
C GLY A 291 7.21 1.13 44.54
N GLU A 292 6.59 1.22 45.69
CA GLU A 292 6.92 2.31 46.59
C GLU A 292 8.36 2.20 47.03
N GLU A 293 8.81 1.01 47.35
CA GLU A 293 10.17 0.86 47.80
C GLU A 293 10.96 -0.17 47.01
N GLY A 294 11.35 0.21 45.81
CA GLY A 294 12.11 -0.68 44.95
C GLY A 294 11.47 -0.98 43.63
N GLU A 295 12.28 -1.52 42.74
CA GLU A 295 11.84 -1.84 41.43
C GLU A 295 12.39 -3.20 41.18
N MET A 296 11.74 -3.93 40.28
CA MET A 296 12.15 -5.23 39.85
C MET A 296 12.20 -5.28 38.34
N GLU A 297 13.19 -5.95 37.80
CA GLU A 297 13.29 -6.08 36.38
C GLU A 297 13.68 -7.49 35.93
N PHE A 298 12.97 -8.02 34.96
CA PHE A 298 13.22 -9.35 34.41
C PHE A 298 13.62 -9.22 32.97
N PHE A 299 14.51 -10.08 32.50
CA PHE A 299 14.94 -10.00 31.13
C PHE A 299 15.10 -11.32 30.46
N LEU A 300 14.65 -11.42 29.23
CA LEU A 300 14.84 -12.61 28.45
C LEU A 300 15.37 -12.34 27.07
N TYR A 301 16.36 -13.09 26.66
CA TYR A 301 16.82 -13.09 25.29
C TYR A 301 16.95 -14.53 24.80
N ASP A 302 16.26 -14.88 23.74
CA ASP A 302 16.31 -16.23 23.22
C ASP A 302 16.51 -16.26 21.71
N GLU A 303 17.12 -17.32 21.21
CA GLU A 303 17.39 -17.44 19.80
C GLU A 303 16.92 -18.75 19.28
N GLU A 304 16.72 -18.80 17.99
CA GLU A 304 16.28 -19.98 17.31
C GLU A 304 17.31 -21.09 17.40
N ASP A 305 16.84 -22.28 17.71
CA ASP A 305 17.64 -23.46 17.81
C ASP A 305 17.61 -24.24 16.52
N SER A 306 18.14 -25.43 16.54
CA SER A 306 18.18 -26.24 15.35
C SER A 306 16.81 -26.65 14.84
N MET A 307 15.90 -26.92 15.73
CA MET A 307 14.59 -27.36 15.29
C MET A 307 13.49 -26.31 15.26
N PHE A 308 13.53 -25.34 16.16
CA PHE A 308 12.47 -24.38 16.27
C PHE A 308 12.88 -22.94 16.37
N SER A 309 12.01 -22.06 15.94
CA SER A 309 12.23 -20.65 16.09
C SER A 309 12.06 -20.31 17.53
N SER A 310 12.61 -19.19 17.94
CA SER A 310 12.54 -18.74 19.29
C SER A 310 11.12 -18.52 19.69
N MET A 311 10.33 -17.98 18.79
CA MET A 311 8.97 -17.70 19.10
C MET A 311 8.28 -18.98 19.40
N SER A 312 8.54 -19.99 18.61
CA SER A 312 7.97 -21.29 18.86
C SER A 312 8.47 -21.85 20.16
N ARG A 313 9.75 -21.73 20.42
CA ARG A 313 10.28 -22.28 21.63
C ARG A 313 9.69 -21.64 22.85
N VAL A 314 9.70 -20.34 22.89
CA VAL A 314 9.19 -19.64 24.02
C VAL A 314 7.68 -19.74 24.24
N THR A 315 6.91 -19.54 23.21
CA THR A 315 5.51 -19.71 23.33
C THR A 315 5.17 -21.15 23.56
N GLY A 316 5.68 -22.01 22.71
CA GLY A 316 5.38 -23.41 22.83
C GLY A 316 5.83 -24.14 24.07
N PHE A 317 7.05 -23.92 24.49
CA PHE A 317 7.51 -24.55 25.70
C PHE A 317 6.80 -24.03 26.93
N THR A 318 6.46 -22.76 26.93
CA THR A 318 5.78 -22.23 28.07
C THR A 318 4.44 -22.91 28.23
N ALA A 319 3.75 -23.09 27.14
CA ALA A 319 2.46 -23.75 27.21
C ALA A 319 2.57 -25.17 27.71
N ALA A 320 3.54 -25.89 27.21
CA ALA A 320 3.77 -27.27 27.58
C ALA A 320 4.10 -27.38 29.05
N ILE A 321 4.87 -26.45 29.54
CA ILE A 321 5.21 -26.39 30.92
C ILE A 321 4.01 -26.15 31.79
N ILE A 322 3.15 -25.26 31.35
CA ILE A 322 1.91 -24.98 32.03
C ILE A 322 1.03 -26.21 31.94
N SER A 323 1.05 -26.89 30.83
CA SER A 323 0.22 -28.03 30.66
C SER A 323 0.57 -29.07 31.69
N ARG A 324 1.84 -29.24 31.96
CA ARG A 324 2.27 -30.19 32.94
C ARG A 324 1.75 -29.78 34.28
N ILE A 325 1.80 -28.51 34.58
CA ILE A 325 1.32 -28.06 35.87
C ILE A 325 -0.16 -28.39 36.04
N VAL A 326 -0.94 -28.19 35.02
CA VAL A 326 -2.34 -28.50 35.08
C VAL A 326 -2.61 -30.01 35.24
N ALA A 327 -1.89 -30.81 34.48
CA ALA A 327 -2.02 -32.25 34.47
C ALA A 327 -1.69 -32.79 35.83
N GLU A 328 -0.87 -32.05 36.52
CA GLU A 328 -0.45 -32.41 37.84
C GLU A 328 -1.49 -32.08 38.88
N ASN A 329 -2.58 -31.46 38.50
CA ASN A 329 -3.65 -31.16 39.42
C ASN A 329 -3.38 -30.08 40.43
N THR A 330 -2.41 -29.27 40.14
CA THR A 330 -2.01 -28.18 40.97
C THR A 330 -3.07 -27.14 41.12
N CYS A 331 -3.81 -26.92 40.06
CA CYS A 331 -4.70 -25.79 39.99
C CYS A 331 -6.19 -26.04 40.16
N THR A 332 -6.88 -25.02 40.59
CA THR A 332 -8.30 -25.08 40.84
C THR A 332 -9.09 -25.01 39.57
N PHE A 333 -10.39 -25.25 39.70
CA PHE A 333 -11.34 -25.21 38.61
C PHE A 333 -11.67 -23.81 38.14
N GLY A 334 -12.15 -23.67 36.92
CA GLY A 334 -12.44 -22.37 36.37
C GLY A 334 -11.50 -21.91 35.29
N VAL A 335 -11.61 -20.66 34.89
CA VAL A 335 -10.77 -20.13 33.87
C VAL A 335 -9.73 -19.32 34.58
N ILE A 336 -8.49 -19.72 34.41
CA ILE A 336 -7.46 -19.05 35.13
C ILE A 336 -6.50 -18.29 34.25
N PRO A 337 -6.32 -17.04 34.59
CA PRO A 337 -5.36 -16.20 33.89
C PRO A 337 -3.97 -16.69 34.22
N PRO A 338 -3.09 -16.61 33.25
CA PRO A 338 -1.73 -17.08 33.36
C PRO A 338 -0.91 -16.39 34.45
N GLU A 339 -1.20 -15.14 34.72
CA GLU A 339 -0.51 -14.37 35.71
C GLU A 339 -0.73 -14.90 37.11
N ILE A 340 -1.75 -15.70 37.30
CA ILE A 340 -1.99 -16.32 38.59
C ILE A 340 -0.83 -17.25 38.91
N LEU A 341 -0.32 -17.87 37.89
CA LEU A 341 0.79 -18.79 38.00
C LEU A 341 2.03 -18.08 38.50
N GLY A 342 2.16 -16.84 38.13
CA GLY A 342 3.20 -15.97 38.57
C GLY A 342 3.14 -15.61 40.03
N MET A 343 1.92 -15.47 40.50
CA MET A 343 1.63 -15.03 41.84
C MET A 343 1.92 -15.99 42.96
N ARG A 344 2.06 -17.25 42.65
CA ARG A 344 2.34 -18.23 43.67
C ARG A 344 3.70 -18.73 43.40
N GLU A 345 4.48 -18.85 44.44
CA GLU A 345 5.87 -19.22 44.33
C GLU A 345 6.20 -20.58 43.76
N ASP A 346 5.47 -21.61 44.15
CA ASP A 346 5.81 -22.93 43.68
C ASP A 346 5.68 -23.04 42.20
N THR A 347 4.58 -22.52 41.72
CA THR A 347 4.26 -22.50 40.34
C THR A 347 5.18 -21.61 39.50
N PHE A 348 5.52 -20.45 40.01
CA PHE A 348 6.40 -19.53 39.33
C PHE A 348 7.81 -20.06 39.19
N ARG A 349 8.33 -20.63 40.26
CA ARG A 349 9.65 -21.19 40.29
C ARG A 349 9.81 -22.39 39.37
N ARG A 350 8.77 -23.19 39.30
CA ARG A 350 8.79 -24.34 38.47
C ARG A 350 8.94 -23.93 37.05
N ILE A 351 8.20 -22.90 36.68
CA ILE A 351 8.18 -22.36 35.36
C ILE A 351 9.50 -21.81 34.95
N ILE A 352 10.11 -21.05 35.84
CA ILE A 352 11.43 -20.53 35.60
C ILE A 352 12.42 -21.65 35.49
N ASP A 353 12.31 -22.67 36.32
CA ASP A 353 13.22 -23.78 36.28
C ASP A 353 13.13 -24.59 35.01
N GLU A 354 11.92 -24.89 34.58
CA GLU A 354 11.70 -25.65 33.39
C GLU A 354 12.16 -24.91 32.17
N LEU A 355 11.99 -23.61 32.19
CA LEU A 355 12.41 -22.79 31.11
C LEU A 355 13.91 -22.87 30.96
N LYS A 356 14.63 -22.78 32.06
CA LYS A 356 16.07 -22.84 32.06
C LYS A 356 16.60 -24.16 31.56
N GLU A 357 15.87 -25.20 31.85
CA GLU A 357 16.20 -26.55 31.46
C GLU A 357 16.25 -26.61 29.96
N ARG A 358 15.39 -25.82 29.35
CA ARG A 358 15.19 -25.79 27.94
C ARG A 358 16.01 -24.74 27.23
N GLY A 359 16.88 -24.08 27.97
CA GLY A 359 17.73 -23.05 27.45
C GLY A 359 17.18 -21.65 27.39
N ILE A 360 15.98 -21.45 27.89
CA ILE A 360 15.39 -20.14 27.92
C ILE A 360 15.72 -19.53 29.25
N SER A 361 16.62 -18.57 29.28
CA SER A 361 17.10 -18.04 30.52
C SER A 361 16.50 -16.72 30.86
N ILE A 362 15.73 -16.71 31.92
CA ILE A 362 15.09 -15.52 32.40
C ILE A 362 15.90 -15.04 33.54
N GLU A 363 16.32 -13.80 33.45
CA GLU A 363 17.18 -13.21 34.43
C GLU A 363 16.46 -12.21 35.30
N GLY A 364 17.01 -11.95 36.47
CA GLY A 364 16.43 -11.05 37.43
C GLY A 364 15.54 -11.82 38.37
N HIS B 16 -18.00 24.65 -42.63
CA HIS B 16 -17.90 24.16 -44.00
C HIS B 16 -16.86 23.07 -44.18
N MET B 17 -15.63 23.29 -43.73
CA MET B 17 -14.61 22.26 -43.86
C MET B 17 -14.92 21.08 -42.98
N LYS B 18 -14.83 19.89 -43.53
CA LYS B 18 -15.15 18.68 -42.80
C LYS B 18 -14.00 18.15 -41.99
N VAL B 19 -14.22 17.96 -40.70
CA VAL B 19 -13.18 17.49 -39.83
C VAL B 19 -13.61 16.26 -39.09
N LEU B 20 -12.72 15.30 -38.97
CA LEU B 20 -12.98 14.06 -38.28
C LEU B 20 -12.17 13.91 -37.01
N ILE B 21 -12.87 13.73 -35.91
CA ILE B 21 -12.23 13.52 -34.65
C ILE B 21 -12.31 12.06 -34.30
N LEU B 22 -11.20 11.51 -33.87
CA LEU B 22 -11.12 10.13 -33.53
C LEU B 22 -11.19 9.97 -32.05
N GLY B 23 -12.34 9.51 -31.57
CA GLY B 23 -12.61 9.28 -30.17
C GLY B 23 -13.42 10.30 -29.41
N ALA B 24 -14.63 9.96 -29.00
CA ALA B 24 -15.49 10.86 -28.25
C ALA B 24 -15.30 10.83 -26.74
N GLY B 25 -14.06 10.91 -26.32
CA GLY B 25 -13.67 10.91 -24.95
C GLY B 25 -13.68 12.31 -24.43
N ASN B 26 -13.14 12.51 -23.26
CA ASN B 26 -13.20 13.81 -22.70
C ASN B 26 -12.52 14.76 -23.60
N ILE B 27 -11.34 14.42 -24.04
CA ILE B 27 -10.63 15.31 -24.93
C ILE B 27 -11.30 15.40 -26.28
N GLY B 28 -11.75 14.29 -26.80
CA GLY B 28 -12.33 14.32 -28.10
C GLY B 28 -13.53 15.22 -28.07
N ARG B 29 -14.29 15.14 -27.02
CA ARG B 29 -15.46 15.97 -26.86
C ARG B 29 -15.18 17.45 -26.69
N ALA B 30 -14.16 17.81 -25.97
CA ALA B 30 -13.84 19.20 -25.79
C ALA B 30 -13.48 19.86 -27.09
N ILE B 31 -12.73 19.17 -27.91
CA ILE B 31 -12.29 19.68 -29.16
C ILE B 31 -13.46 19.91 -30.10
N ALA B 32 -14.37 18.98 -30.14
CA ALA B 32 -15.49 19.11 -31.02
C ALA B 32 -16.24 20.32 -30.61
N TRP B 33 -16.34 20.54 -29.32
CA TRP B 33 -17.06 21.67 -28.86
C TRP B 33 -16.44 22.94 -29.35
N ASP B 34 -15.14 23.02 -29.28
CA ASP B 34 -14.42 24.21 -29.68
C ASP B 34 -14.57 24.54 -31.16
N LEU B 35 -14.58 23.53 -31.99
CA LEU B 35 -14.59 23.70 -33.43
C LEU B 35 -15.96 23.65 -34.03
N LYS B 36 -16.96 23.56 -33.18
CA LYS B 36 -18.31 23.28 -33.60
C LYS B 36 -18.92 24.27 -34.57
N ASP B 37 -18.74 25.55 -34.31
CA ASP B 37 -19.20 26.57 -35.21
C ASP B 37 -18.41 26.75 -36.52
N GLU B 38 -17.10 26.71 -36.40
CA GLU B 38 -16.20 26.86 -37.51
C GLU B 38 -16.07 25.73 -38.54
N PHE B 39 -16.31 24.50 -38.13
CA PHE B 39 -16.14 23.34 -39.00
C PHE B 39 -17.30 22.41 -39.01
N ASP B 40 -17.34 21.54 -39.99
CA ASP B 40 -18.35 20.53 -40.04
C ASP B 40 -17.68 19.34 -39.41
N VAL B 41 -17.88 19.19 -38.12
CA VAL B 41 -17.20 18.17 -37.38
C VAL B 41 -17.94 16.90 -37.07
N TYR B 42 -17.30 15.81 -37.44
CA TYR B 42 -17.77 14.47 -37.24
C TYR B 42 -16.85 13.84 -36.24
N ILE B 43 -17.38 12.95 -35.43
CA ILE B 43 -16.59 12.27 -34.43
C ILE B 43 -16.90 10.78 -34.39
N GLY B 44 -15.87 9.94 -34.41
CA GLY B 44 -15.99 8.51 -34.45
C GLY B 44 -15.54 7.79 -33.19
N ASP B 45 -16.29 6.77 -32.80
CA ASP B 45 -16.02 5.99 -31.61
C ASP B 45 -16.65 4.63 -31.71
N VAL B 46 -16.25 3.72 -30.86
CA VAL B 46 -16.88 2.43 -30.82
C VAL B 46 -17.92 2.44 -29.71
N ASN B 47 -17.84 3.45 -28.87
CA ASN B 47 -18.73 3.53 -27.75
C ASN B 47 -19.88 4.50 -27.90
N ASN B 48 -21.07 3.94 -27.97
CA ASN B 48 -22.28 4.70 -28.16
C ASN B 48 -22.62 5.65 -27.03
N GLU B 49 -22.24 5.32 -25.81
CA GLU B 49 -22.59 6.22 -24.75
C GLU B 49 -21.92 7.58 -24.92
N ASN B 50 -20.63 7.57 -25.16
CA ASN B 50 -19.87 8.78 -25.41
C ASN B 50 -20.32 9.46 -26.68
N LEU B 51 -20.68 8.67 -27.65
CA LEU B 51 -21.12 9.21 -28.89
C LEU B 51 -22.36 10.02 -28.62
N GLU B 52 -23.20 9.51 -27.72
CA GLU B 52 -24.44 10.15 -27.36
C GLU B 52 -24.24 11.51 -26.71
N LYS B 53 -23.22 11.63 -25.89
CA LYS B 53 -22.97 12.86 -25.17
C LYS B 53 -22.68 14.00 -26.08
N VAL B 54 -22.23 13.68 -27.28
CA VAL B 54 -21.81 14.70 -28.20
C VAL B 54 -22.67 15.03 -29.39
N LYS B 55 -23.79 14.37 -29.55
CA LYS B 55 -24.59 14.55 -30.76
C LYS B 55 -25.21 15.90 -31.04
N GLU B 56 -25.37 16.71 -30.02
CA GLU B 56 -25.89 18.05 -30.22
C GLU B 56 -24.97 19.00 -31.00
N PHE B 57 -23.67 18.92 -30.79
CA PHE B 57 -22.77 19.80 -31.52
C PHE B 57 -21.87 19.15 -32.55
N ALA B 58 -22.03 17.88 -32.82
CA ALA B 58 -21.19 17.24 -33.80
C ALA B 58 -21.89 16.02 -34.30
N THR B 59 -21.48 15.50 -35.43
CA THR B 59 -22.16 14.31 -35.86
C THR B 59 -21.32 13.05 -35.64
N PRO B 60 -21.88 12.13 -34.87
CA PRO B 60 -21.23 10.90 -34.49
C PRO B 60 -21.20 9.86 -35.57
N LEU B 61 -20.19 9.03 -35.53
CA LEU B 61 -20.07 7.98 -36.49
C LEU B 61 -19.52 6.82 -35.76
N LYS B 62 -19.78 5.63 -36.25
CA LYS B 62 -19.28 4.44 -35.63
C LYS B 62 -18.06 3.99 -36.37
N VAL B 63 -16.92 4.13 -35.74
CA VAL B 63 -15.71 3.70 -36.36
C VAL B 63 -14.78 3.04 -35.37
N ASP B 64 -14.23 1.91 -35.77
CA ASP B 64 -13.29 1.19 -34.96
C ASP B 64 -11.94 1.48 -35.48
N ALA B 65 -11.15 2.16 -34.66
CA ALA B 65 -9.82 2.59 -35.00
C ALA B 65 -8.87 1.44 -35.11
N SER B 66 -9.30 0.29 -34.63
CA SER B 66 -8.58 -0.96 -34.69
C SER B 66 -8.40 -1.42 -36.09
N ASN B 67 -9.37 -1.09 -36.92
CA ASN B 67 -9.39 -1.52 -38.29
C ASN B 67 -8.73 -0.50 -39.18
N PHE B 68 -7.53 -0.77 -39.60
CA PHE B 68 -6.81 0.17 -40.41
C PHE B 68 -7.44 0.44 -41.75
N ASP B 69 -7.86 -0.58 -42.46
CA ASP B 69 -8.44 -0.36 -43.77
C ASP B 69 -9.72 0.42 -43.73
N LYS B 70 -10.56 0.13 -42.76
CA LYS B 70 -11.77 0.88 -42.55
C LYS B 70 -11.52 2.30 -42.14
N LEU B 71 -10.45 2.54 -41.41
CA LEU B 71 -10.09 3.88 -41.00
C LEU B 71 -9.71 4.78 -42.16
N VAL B 72 -8.91 4.26 -43.06
CA VAL B 72 -8.51 5.05 -44.18
C VAL B 72 -9.68 5.39 -45.08
N GLU B 73 -10.61 4.46 -45.19
CA GLU B 73 -11.80 4.67 -46.00
C GLU B 73 -12.70 5.78 -45.50
N VAL B 74 -12.89 5.86 -44.20
CA VAL B 74 -13.63 6.92 -43.57
C VAL B 74 -12.96 8.26 -43.69
N MET B 75 -11.64 8.26 -43.55
CA MET B 75 -10.82 9.45 -43.54
C MET B 75 -10.84 10.19 -44.85
N LYS B 76 -11.13 9.46 -45.90
CA LYS B 76 -11.08 9.97 -47.25
C LYS B 76 -12.07 11.06 -47.54
N GLU B 77 -13.07 11.13 -46.68
CA GLU B 77 -14.10 12.11 -46.75
C GLU B 77 -13.72 13.43 -46.12
N PHE B 78 -12.61 13.48 -45.41
CA PHE B 78 -12.23 14.63 -44.63
C PHE B 78 -10.97 15.36 -45.01
N GLU B 79 -10.90 16.62 -44.61
CA GLU B 79 -9.75 17.44 -44.88
C GLU B 79 -8.83 17.56 -43.68
N LEU B 80 -9.32 17.15 -42.54
CA LEU B 80 -8.51 17.16 -41.38
C LEU B 80 -8.94 16.07 -40.47
N VAL B 81 -8.00 15.43 -39.80
CA VAL B 81 -8.32 14.50 -38.76
C VAL B 81 -7.60 14.90 -37.49
N ILE B 82 -8.30 14.78 -36.38
CA ILE B 82 -7.78 15.10 -35.09
C ILE B 82 -7.81 13.85 -34.27
N GLY B 83 -6.69 13.46 -33.73
CA GLY B 83 -6.66 12.23 -32.98
C GLY B 83 -6.74 12.37 -31.49
N ALA B 84 -7.76 11.79 -30.91
CA ALA B 84 -8.01 11.84 -29.50
C ALA B 84 -8.19 10.47 -28.89
N LEU B 85 -7.56 9.49 -29.49
CA LEU B 85 -7.64 8.12 -29.05
C LEU B 85 -6.70 7.77 -27.93
N PRO B 86 -6.86 6.58 -27.42
CA PRO B 86 -5.95 6.01 -26.45
C PRO B 86 -4.61 5.79 -27.15
N GLY B 87 -3.53 5.80 -26.40
CA GLY B 87 -2.19 5.75 -26.93
C GLY B 87 -1.83 4.55 -27.77
N PHE B 88 -2.40 3.40 -27.43
CA PHE B 88 -2.14 2.18 -28.15
C PHE B 88 -2.71 2.18 -29.55
N LEU B 89 -3.60 3.11 -29.83
CA LEU B 89 -4.16 3.26 -31.15
C LEU B 89 -3.58 4.41 -31.95
N GLY B 90 -2.80 5.27 -31.32
CA GLY B 90 -2.29 6.45 -31.97
C GLY B 90 -1.37 6.41 -33.17
N PHE B 91 -0.37 5.57 -33.14
CA PHE B 91 0.55 5.45 -34.20
C PHE B 91 -0.17 4.97 -35.44
N LYS B 92 -1.07 4.04 -35.26
CA LYS B 92 -1.86 3.51 -36.33
C LYS B 92 -2.75 4.58 -36.93
N SER B 93 -3.31 5.45 -36.14
CA SER B 93 -4.13 6.51 -36.69
C SER B 93 -3.34 7.46 -37.58
N ILE B 94 -2.12 7.75 -37.18
CA ILE B 94 -1.26 8.59 -37.96
C ILE B 94 -0.92 7.93 -39.27
N LYS B 95 -0.68 6.65 -39.24
CA LYS B 95 -0.39 5.92 -40.43
C LYS B 95 -1.57 5.94 -41.32
N ALA B 96 -2.74 5.81 -40.76
CA ALA B 96 -3.93 5.81 -41.55
C ALA B 96 -4.16 7.14 -42.24
N ALA B 97 -3.89 8.22 -41.55
CA ALA B 97 -4.03 9.53 -42.10
C ALA B 97 -3.06 9.76 -43.23
N ILE B 98 -1.86 9.24 -43.11
CA ILE B 98 -0.86 9.39 -44.13
C ILE B 98 -1.29 8.67 -45.40
N LYS B 99 -1.79 7.47 -45.24
CA LYS B 99 -2.28 6.71 -46.37
C LYS B 99 -3.46 7.39 -46.97
N SER B 100 -4.27 7.98 -46.13
CA SER B 100 -5.41 8.71 -46.56
C SER B 100 -5.05 10.04 -47.15
N LYS B 101 -3.83 10.50 -46.94
CA LYS B 101 -3.41 11.79 -47.39
C LYS B 101 -4.23 12.91 -46.81
N VAL B 102 -4.40 12.89 -45.51
CA VAL B 102 -5.13 13.90 -44.82
C VAL B 102 -4.26 14.43 -43.72
N ASP B 103 -4.30 15.72 -43.48
CA ASP B 103 -3.54 16.31 -42.43
C ASP B 103 -4.13 15.85 -41.13
N MET B 104 -3.33 15.75 -40.11
CA MET B 104 -3.81 15.33 -38.84
C MET B 104 -3.14 16.04 -37.70
N VAL B 105 -3.86 16.28 -36.62
CA VAL B 105 -3.26 16.71 -35.39
C VAL B 105 -3.64 15.66 -34.38
N ASP B 106 -2.66 15.12 -33.69
CA ASP B 106 -2.81 14.01 -32.78
C ASP B 106 -2.53 14.40 -31.37
N VAL B 107 -3.40 14.04 -30.45
CA VAL B 107 -3.09 14.34 -29.07
C VAL B 107 -2.93 13.10 -28.22
N SER B 108 -3.04 11.94 -28.81
CA SER B 108 -2.87 10.73 -28.07
C SER B 108 -1.51 10.56 -27.48
N PHE B 109 -1.44 10.05 -26.26
CA PHE B 109 -0.17 9.86 -25.61
C PHE B 109 0.40 8.54 -26.01
N MET B 110 0.70 8.38 -27.28
CA MET B 110 1.32 7.18 -27.79
C MET B 110 2.77 6.97 -27.39
N PRO B 111 3.11 5.73 -27.14
CA PRO B 111 4.44 5.28 -26.75
C PRO B 111 5.53 5.41 -27.82
N GLU B 112 5.12 5.19 -29.04
CA GLU B 112 5.99 5.23 -30.19
C GLU B 112 6.32 6.64 -30.62
N ASN B 113 7.33 6.78 -31.47
CA ASN B 113 7.78 8.05 -31.99
C ASN B 113 7.22 8.32 -33.35
N PRO B 114 6.42 9.35 -33.43
CA PRO B 114 5.75 9.74 -34.65
C PRO B 114 6.71 10.18 -35.73
N LEU B 115 7.87 10.64 -35.30
CA LEU B 115 8.90 11.17 -36.16
C LEU B 115 9.33 10.05 -37.03
N GLU B 116 8.96 8.87 -36.63
CA GLU B 116 9.30 7.69 -37.36
C GLU B 116 8.66 7.72 -38.72
N LEU B 117 7.54 8.39 -38.82
CA LEU B 117 6.76 8.44 -40.02
C LEU B 117 7.03 9.65 -40.84
N ARG B 118 8.09 10.34 -40.53
CA ARG B 118 8.40 11.60 -41.14
C ARG B 118 8.58 11.56 -42.64
N ASP B 119 9.34 10.62 -43.13
CA ASP B 119 9.49 10.54 -44.57
C ASP B 119 8.20 10.21 -45.27
N GLU B 120 7.44 9.29 -44.73
CA GLU B 120 6.18 8.89 -45.31
C GLU B 120 5.18 10.02 -45.38
N ALA B 121 5.09 10.80 -44.33
CA ALA B 121 4.23 11.95 -44.31
C ALA B 121 4.64 12.95 -45.35
N GLU B 122 5.94 13.15 -45.49
CA GLU B 122 6.47 14.08 -46.46
C GLU B 122 6.14 13.66 -47.88
N LYS B 123 6.26 12.39 -48.14
CA LYS B 123 5.94 11.79 -49.41
C LYS B 123 4.48 11.94 -49.76
N ALA B 124 3.65 11.75 -48.76
CA ALA B 124 2.21 11.88 -48.87
C ALA B 124 1.73 13.32 -48.97
N GLN B 125 2.58 14.29 -48.71
CA GLN B 125 2.23 15.69 -48.74
C GLN B 125 1.14 16.09 -47.82
N VAL B 126 1.33 15.70 -46.57
CA VAL B 126 0.43 16.00 -45.51
C VAL B 126 1.21 16.49 -44.37
N THR B 127 0.54 17.15 -43.45
CA THR B 127 1.12 17.66 -42.26
C THR B 127 0.52 16.99 -41.05
N ILE B 128 1.36 16.44 -40.20
CA ILE B 128 0.96 15.84 -38.97
C ILE B 128 1.61 16.52 -37.79
N VAL B 129 0.81 17.03 -36.88
CA VAL B 129 1.32 17.61 -35.67
C VAL B 129 0.92 16.65 -34.60
N PHE B 130 1.83 16.31 -33.73
CA PHE B 130 1.57 15.33 -32.72
C PHE B 130 1.77 15.88 -31.33
N ASP B 131 1.29 15.16 -30.34
CA ASP B 131 1.41 15.56 -28.95
C ASP B 131 0.84 16.93 -28.70
N ALA B 132 -0.29 17.21 -29.31
CA ALA B 132 -0.96 18.49 -29.21
C ALA B 132 -1.94 18.64 -28.06
N GLY B 133 -1.43 18.62 -26.84
CA GLY B 133 -2.22 18.72 -25.65
C GLY B 133 -1.58 19.67 -24.70
N PHE B 134 -2.00 19.63 -23.46
CA PHE B 134 -1.41 20.48 -22.46
C PHE B 134 0.04 20.17 -22.13
N ALA B 135 0.33 18.95 -21.73
CA ALA B 135 1.70 18.53 -21.56
C ALA B 135 1.77 17.08 -21.80
N PRO B 136 2.38 16.64 -22.88
CA PRO B 136 3.06 17.46 -23.86
C PRO B 136 2.09 18.23 -24.71
N GLY B 137 2.59 19.21 -25.43
CA GLY B 137 1.73 20.11 -26.14
C GLY B 137 2.11 21.51 -25.80
N LEU B 138 1.29 22.16 -25.02
CA LEU B 138 1.50 23.54 -24.68
C LEU B 138 2.82 23.73 -24.00
N SER B 139 3.18 22.76 -23.20
CA SER B 139 4.42 22.80 -22.51
C SER B 139 5.52 22.80 -23.52
N ASN B 140 5.36 22.04 -24.58
CA ASN B 140 6.34 22.01 -25.63
C ASN B 140 6.44 23.32 -26.36
N ILE B 141 5.31 23.92 -26.63
CA ILE B 141 5.25 25.16 -27.29
C ILE B 141 5.94 26.26 -26.50
N LEU B 142 5.66 26.36 -25.21
CA LEU B 142 6.27 27.37 -24.36
C LEU B 142 7.76 27.20 -24.27
N MET B 143 8.20 25.98 -24.13
CA MET B 143 9.60 25.67 -24.06
C MET B 143 10.27 26.00 -25.38
N GLY B 144 9.53 25.81 -26.46
CA GLY B 144 10.01 26.13 -27.77
C GLY B 144 10.27 27.59 -27.91
N ARG B 145 9.42 28.42 -27.33
CA ARG B 145 9.63 29.84 -27.44
C ARG B 145 10.94 30.17 -26.79
N ILE B 146 11.17 29.62 -25.61
CA ILE B 146 12.35 29.87 -24.81
C ILE B 146 13.63 29.43 -25.48
N PHE B 147 13.57 28.34 -26.19
CA PHE B 147 14.73 27.82 -26.87
C PHE B 147 15.23 28.80 -27.90
N GLN B 148 14.33 29.42 -28.66
CA GLN B 148 14.69 30.46 -29.61
C GLN B 148 15.14 31.78 -29.02
N GLU B 149 14.36 32.28 -28.07
CA GLU B 149 14.64 33.53 -27.40
C GLU B 149 15.94 33.54 -26.63
N LEU B 150 16.29 32.43 -26.03
CA LEU B 150 17.43 32.31 -25.15
C LEU B 150 18.43 31.37 -25.72
N ASP B 151 19.64 31.39 -25.20
CA ASP B 151 20.58 30.37 -25.53
C ASP B 151 20.25 29.58 -24.33
N LEU B 152 19.65 28.43 -24.51
CA LEU B 152 19.15 27.67 -23.38
C LEU B 152 20.07 26.57 -22.96
N LYS B 153 20.34 26.50 -21.67
CA LYS B 153 21.12 25.44 -21.12
C LYS B 153 20.28 24.52 -20.23
N GLU B 154 19.41 25.11 -19.44
CA GLU B 154 18.55 24.35 -18.54
C GLU B 154 17.07 24.67 -18.69
N GLY B 155 16.23 23.65 -18.86
CA GLY B 155 14.82 23.87 -19.00
C GLY B 155 13.99 23.11 -18.00
N TYR B 156 13.04 23.76 -17.35
CA TYR B 156 12.25 23.09 -16.36
C TYR B 156 10.78 23.25 -16.59
N ILE B 157 10.02 22.19 -16.47
CA ILE B 157 8.60 22.25 -16.64
C ILE B 157 7.91 21.68 -15.44
N TYR B 158 6.96 22.40 -14.86
CA TYR B 158 6.21 21.86 -13.73
C TYR B 158 4.75 21.87 -14.09
N VAL B 159 4.10 20.72 -14.01
CA VAL B 159 2.71 20.63 -14.39
C VAL B 159 1.86 19.76 -13.49
N GLY B 160 0.62 20.13 -13.27
CA GLY B 160 -0.26 19.33 -12.47
C GLY B 160 -1.72 19.44 -12.81
N GLY B 161 -2.50 18.41 -12.57
CA GLY B 161 -3.93 18.48 -12.74
C GLY B 161 -4.40 18.01 -11.39
N LEU B 162 -4.91 18.91 -10.57
CA LEU B 162 -5.22 18.56 -9.20
C LEU B 162 -6.60 18.94 -8.74
N PRO B 163 -7.04 18.34 -7.66
CA PRO B 163 -8.32 18.70 -7.08
C PRO B 163 -8.14 20.02 -6.40
N LYS B 164 -9.10 20.91 -6.53
CA LYS B 164 -8.98 22.19 -5.86
C LYS B 164 -9.01 21.94 -4.39
N ASP B 165 -9.85 20.99 -3.99
CA ASP B 165 -9.94 20.59 -2.61
C ASP B 165 -9.52 19.15 -2.45
N PRO B 166 -8.38 18.93 -1.87
CA PRO B 166 -7.85 17.59 -1.69
C PRO B 166 -8.28 16.96 -0.39
N LYS B 167 -8.67 15.69 -0.46
CA LYS B 167 -9.06 14.94 0.70
C LYS B 167 -8.09 13.80 0.91
N PRO B 168 -7.94 13.42 2.16
CA PRO B 168 -7.07 12.35 2.56
C PRO B 168 -7.68 11.05 2.16
N PRO B 169 -6.90 9.99 2.15
CA PRO B 169 -5.49 10.00 2.48
C PRO B 169 -4.60 10.31 1.32
N LEU B 170 -5.11 10.05 0.13
CA LEU B 170 -4.38 10.27 -1.11
C LEU B 170 -4.11 11.67 -1.59
N TYR B 171 -5.05 12.57 -1.38
CA TYR B 171 -4.91 13.96 -1.79
C TYR B 171 -4.78 14.14 -3.28
N TYR B 172 -5.57 13.37 -4.01
CA TYR B 172 -5.55 13.40 -5.44
C TYR B 172 -6.87 12.92 -5.93
N LYS B 173 -7.23 13.29 -7.14
CA LYS B 173 -8.46 12.87 -7.75
C LYS B 173 -8.19 12.47 -9.18
N PRO B 178 -6.23 6.04 -14.04
CA PRO B 178 -6.05 4.99 -13.04
C PRO B 178 -4.74 4.31 -13.31
N ARG B 179 -4.72 3.44 -14.30
CA ARG B 179 -3.52 2.75 -14.71
C ARG B 179 -2.50 3.71 -15.28
N ASP B 180 -2.98 4.70 -16.00
CA ASP B 180 -2.07 5.65 -16.58
C ASP B 180 -1.39 6.39 -15.44
N LEU B 181 -2.14 6.67 -14.39
CA LEU B 181 -1.58 7.36 -13.23
C LEU B 181 -0.50 6.59 -12.51
N ILE B 182 -0.73 5.31 -12.31
CA ILE B 182 0.21 4.42 -11.67
C ILE B 182 1.47 4.25 -12.48
N GLU B 183 1.28 4.24 -13.79
CA GLU B 183 2.34 4.00 -14.73
C GLU B 183 3.40 5.03 -14.61
N GLU B 184 3.01 6.21 -14.19
CA GLU B 184 3.96 7.26 -13.96
C GLU B 184 4.85 6.92 -12.80
N TYR B 185 4.28 6.25 -11.81
CA TYR B 185 5.06 5.81 -10.66
C TYR B 185 6.02 4.68 -10.98
N THR B 186 5.51 3.76 -11.77
CA THR B 186 6.18 2.59 -12.28
C THR B 186 7.30 2.67 -13.32
N ARG B 187 7.14 3.48 -14.32
CA ARG B 187 8.08 3.49 -15.43
C ARG B 187 9.13 4.54 -15.33
N PRO B 188 10.28 4.27 -15.93
CA PRO B 188 11.38 5.21 -15.98
C PRO B 188 11.05 6.45 -16.78
N ALA B 189 11.65 7.55 -16.38
CA ALA B 189 11.39 8.81 -17.01
C ALA B 189 12.68 9.31 -17.58
N ARG B 190 12.59 10.04 -18.67
CA ARG B 190 13.73 10.55 -19.37
C ARG B 190 13.97 12.02 -19.14
N VAL B 191 15.22 12.38 -18.94
CA VAL B 191 15.59 13.75 -18.70
C VAL B 191 16.83 13.98 -19.46
N ILE B 192 17.29 15.21 -19.53
CA ILE B 192 18.54 15.47 -20.19
C ILE B 192 19.50 15.93 -19.14
N ARG B 193 20.58 15.21 -18.94
CA ARG B 193 21.56 15.62 -17.97
C ARG B 193 22.92 15.65 -18.64
N ASN B 194 23.63 16.74 -18.45
CA ASN B 194 24.93 16.89 -19.06
C ASN B 194 24.86 16.75 -20.56
N GLY B 195 23.78 17.23 -21.14
CA GLY B 195 23.61 17.17 -22.58
C GLY B 195 23.27 15.81 -23.15
N LYS B 196 22.86 14.90 -22.30
CA LYS B 196 22.52 13.57 -22.74
C LYS B 196 21.25 13.07 -22.08
N VAL B 197 20.62 12.11 -22.71
CA VAL B 197 19.41 11.53 -22.21
C VAL B 197 19.69 10.47 -21.20
N SER B 198 19.04 10.55 -20.07
CA SER B 198 19.19 9.54 -19.07
C SER B 198 17.85 9.20 -18.50
N LYS B 199 17.73 7.96 -18.08
CA LYS B 199 16.51 7.44 -17.51
C LYS B 199 16.67 7.42 -16.02
N VAL B 200 15.63 7.82 -15.32
CA VAL B 200 15.63 7.85 -13.88
C VAL B 200 14.35 7.29 -13.32
N ASP B 201 14.42 6.89 -12.08
CA ASP B 201 13.28 6.37 -11.40
C ASP B 201 12.53 7.59 -11.02
N PRO B 202 11.26 7.62 -11.33
CA PRO B 202 10.42 8.79 -11.08
C PRO B 202 10.30 9.15 -9.62
N LEU B 203 10.30 8.12 -8.77
CA LEU B 203 10.18 8.30 -7.34
C LEU B 203 11.48 8.51 -6.57
N SER B 204 12.62 8.40 -7.21
CA SER B 204 13.86 8.59 -6.49
C SER B 204 14.16 9.98 -5.95
N GLU B 205 13.69 11.01 -6.65
CA GLU B 205 14.02 12.39 -6.32
C GLU B 205 12.89 13.29 -5.89
N VAL B 206 11.92 12.81 -5.11
CA VAL B 206 10.79 13.65 -4.78
C VAL B 206 11.24 14.97 -4.18
N LYS B 207 10.62 16.05 -4.64
CA LYS B 207 11.01 17.39 -4.28
C LYS B 207 9.84 18.23 -3.85
N LYS B 208 10.14 19.28 -3.11
CA LYS B 208 9.14 20.21 -2.62
C LYS B 208 9.32 21.47 -3.39
N VAL B 209 8.24 21.98 -3.96
CA VAL B 209 8.33 23.23 -4.68
C VAL B 209 7.09 24.02 -4.43
N LYS B 210 7.23 25.33 -4.46
CA LYS B 210 6.08 26.16 -4.28
C LYS B 210 5.92 27.05 -5.48
N ILE B 211 4.72 27.10 -6.02
CA ILE B 211 4.48 27.98 -7.12
C ILE B 211 3.33 28.82 -6.66
N GLY B 212 3.56 30.12 -6.61
CA GLY B 212 2.55 31.04 -6.14
C GLY B 212 2.20 30.79 -4.71
N LYS B 213 0.93 30.63 -4.46
CA LYS B 213 0.44 30.45 -3.12
C LYS B 213 0.41 28.97 -2.88
N PHE B 214 1.11 28.26 -3.74
CA PHE B 214 1.06 26.82 -3.77
C PHE B 214 2.30 26.09 -3.33
N GLU B 215 2.10 25.16 -2.42
CA GLU B 215 3.14 24.30 -1.91
C GLU B 215 2.82 22.93 -2.48
N PHE B 216 3.77 22.39 -3.22
CA PHE B 216 3.61 21.12 -3.92
C PHE B 216 4.76 20.16 -3.75
N GLU B 217 4.50 18.91 -4.08
CA GLU B 217 5.52 17.90 -4.11
C GLU B 217 5.58 17.46 -5.56
N ALA B 218 6.78 17.20 -6.06
CA ALA B 218 6.92 16.84 -7.45
C ALA B 218 7.82 15.65 -7.71
N PHE B 219 7.59 15.00 -8.82
CA PHE B 219 8.39 13.87 -9.22
C PHE B 219 8.69 14.00 -10.68
N ILE B 220 9.81 13.47 -11.10
CA ILE B 220 10.17 13.51 -12.48
C ILE B 220 9.20 12.73 -13.34
N SER B 221 8.81 13.30 -14.48
CA SER B 221 7.88 12.65 -15.38
C SER B 221 8.41 12.51 -16.79
N ASP B 222 7.71 11.74 -17.61
CA ASP B 222 8.15 11.36 -18.95
C ASP B 222 7.60 12.15 -20.09
N GLY B 223 7.18 13.36 -19.80
CA GLY B 223 6.60 14.22 -20.79
C GLY B 223 7.45 14.89 -21.82
N LEU B 224 8.75 14.92 -21.68
CA LEU B 224 9.57 15.65 -22.61
C LEU B 224 9.53 15.15 -24.03
N ARG B 225 9.68 13.87 -24.22
CA ARG B 225 9.48 13.25 -25.52
C ARG B 225 10.28 13.79 -26.68
N SER B 226 9.61 14.55 -27.52
CA SER B 226 10.16 15.18 -28.69
C SER B 226 11.23 16.17 -28.31
N MET B 227 11.05 16.83 -27.20
CA MET B 227 11.97 17.84 -26.76
C MET B 227 13.30 17.26 -26.46
N LEU B 228 13.34 15.96 -26.20
CA LEU B 228 14.61 15.36 -25.90
C LEU B 228 15.52 15.49 -27.08
N GLU B 229 15.05 15.11 -28.26
CA GLU B 229 15.83 15.34 -29.45
C GLU B 229 15.87 16.79 -29.89
N THR B 230 14.73 17.41 -29.80
CA THR B 230 14.48 18.77 -30.23
C THR B 230 15.13 19.97 -29.55
N ILE B 231 15.18 19.99 -28.23
CA ILE B 231 15.75 21.12 -27.57
C ILE B 231 17.19 20.81 -27.26
N ASN B 232 18.14 21.52 -27.84
CA ASN B 232 19.52 21.20 -27.60
C ASN B 232 19.93 21.87 -26.35
N SER B 233 19.86 21.15 -25.24
CA SER B 233 20.16 21.77 -23.97
C SER B 233 20.92 20.88 -23.03
N GLU B 234 21.64 21.49 -22.10
CA GLU B 234 22.35 20.75 -21.08
C GLU B 234 21.46 20.09 -20.05
N ARG B 235 20.47 20.80 -19.54
CA ARG B 235 19.55 20.21 -18.58
C ARG B 235 18.09 20.39 -18.95
N LEU B 236 17.33 19.32 -19.07
CA LEU B 236 15.90 19.42 -19.33
C LEU B 236 15.12 18.44 -18.48
N GLU B 237 14.09 18.90 -17.78
CA GLU B 237 13.31 18.01 -16.96
C GLU B 237 11.85 18.38 -16.86
N GLU B 238 10.98 17.39 -16.76
CA GLU B 238 9.58 17.66 -16.56
C GLU B 238 9.22 17.15 -15.18
N TRP B 239 8.63 18.00 -14.38
CA TRP B 239 8.22 17.61 -13.05
C TRP B 239 6.74 17.68 -12.94
N THR B 240 6.13 16.62 -12.45
CA THR B 240 4.70 16.58 -12.29
C THR B 240 4.39 16.82 -10.83
N LEU B 241 3.40 17.65 -10.59
CA LEU B 241 3.08 18.13 -9.27
C LEU B 241 1.95 17.43 -8.58
N ARG B 242 2.12 17.25 -7.29
CA ARG B 242 1.14 16.61 -6.46
C ARG B 242 0.99 17.35 -5.16
N TRP B 243 -0.17 17.26 -4.57
CA TRP B 243 -0.42 17.85 -3.26
C TRP B 243 0.38 17.03 -2.26
N PRO B 244 0.80 17.62 -1.16
CA PRO B 244 1.59 16.91 -0.15
C PRO B 244 0.87 15.75 0.49
N GLY B 245 1.64 14.75 0.84
CA GLY B 245 1.10 13.55 1.41
C GLY B 245 0.60 12.51 0.46
N HIS B 246 0.83 12.67 -0.83
CA HIS B 246 0.34 11.66 -1.74
C HIS B 246 1.42 10.67 -2.11
N LEU B 247 2.55 11.16 -2.57
CA LEU B 247 3.58 10.23 -2.99
C LEU B 247 4.37 9.44 -1.97
N GLU B 248 4.44 9.91 -0.74
CA GLU B 248 5.13 9.16 0.28
C GLU B 248 4.38 7.87 0.42
N LYS B 249 3.07 7.98 0.36
CA LYS B 249 2.25 6.80 0.40
C LYS B 249 2.44 5.98 -0.85
N ILE B 250 2.63 6.63 -1.96
CA ILE B 250 2.82 5.95 -3.22
C ILE B 250 4.10 5.13 -3.20
N LYS B 251 5.16 5.67 -2.64
CA LYS B 251 6.43 4.97 -2.58
C LYS B 251 6.36 3.68 -1.80
N VAL B 252 5.63 3.68 -0.71
CA VAL B 252 5.47 2.52 0.12
C VAL B 252 4.76 1.40 -0.59
N LEU B 253 3.70 1.74 -1.28
CA LEU B 253 2.92 0.78 -2.01
C LEU B 253 3.71 0.12 -3.11
N ARG B 254 4.55 0.87 -3.77
CA ARG B 254 5.43 0.34 -4.78
C ARG B 254 6.47 -0.57 -4.20
N GLU B 255 6.99 -0.16 -3.05
CA GLU B 255 8.05 -0.85 -2.36
C GLU B 255 7.64 -2.21 -1.97
N LEU B 256 6.40 -2.33 -1.59
CA LEU B 256 5.84 -3.58 -1.13
C LEU B 256 5.21 -4.42 -2.22
N GLY B 257 5.28 -3.98 -3.46
CA GLY B 257 4.75 -4.75 -4.55
C GLY B 257 3.30 -4.63 -4.95
N PHE B 258 2.63 -3.62 -4.44
CA PHE B 258 1.24 -3.42 -4.76
C PHE B 258 1.04 -2.94 -6.17
N PHE B 259 2.08 -2.47 -6.79
CA PHE B 259 1.98 -2.00 -8.12
C PHE B 259 2.44 -3.03 -9.13
N LYS B 260 2.78 -4.21 -8.69
CA LYS B 260 3.17 -5.23 -9.63
C LYS B 260 1.90 -5.56 -10.35
N PRO B 261 2.02 -5.97 -11.59
CA PRO B 261 0.89 -6.25 -12.44
C PRO B 261 -0.01 -7.34 -11.91
N GLU B 262 0.54 -8.36 -11.29
CA GLU B 262 -0.35 -9.39 -10.76
C GLU B 262 -1.28 -8.86 -9.69
N ASN B 263 -0.80 -7.92 -8.89
CA ASN B 263 -1.55 -7.38 -7.79
C ASN B 263 -2.29 -6.12 -8.07
N LEU B 264 -1.98 -5.50 -9.16
CA LEU B 264 -2.53 -4.21 -9.44
C LEU B 264 -4.04 -4.15 -9.51
N ASP B 265 -4.69 -5.15 -10.04
CA ASP B 265 -6.11 -4.99 -10.13
C ASP B 265 -6.72 -4.83 -8.76
N PHE B 266 -6.31 -5.62 -7.80
CA PHE B 266 -6.86 -5.46 -6.48
C PHE B 266 -6.48 -4.16 -5.81
N THR B 267 -5.28 -3.68 -6.09
CA THR B 267 -4.79 -2.49 -5.49
C THR B 267 -5.65 -1.31 -5.86
N LEU B 268 -6.02 -1.22 -7.12
CA LEU B 268 -6.86 -0.16 -7.59
C LEU B 268 -8.20 -0.25 -6.93
N ARG B 269 -8.68 -1.45 -6.75
CA ARG B 269 -9.97 -1.64 -6.16
C ARG B 269 -9.99 -1.03 -4.77
N VAL B 270 -8.91 -1.20 -4.05
CA VAL B 270 -8.75 -0.61 -2.74
C VAL B 270 -8.57 0.90 -2.74
N ILE B 271 -7.72 1.40 -3.60
CA ILE B 271 -7.41 2.80 -3.57
C ILE B 271 -8.11 3.76 -4.53
N GLU B 272 -8.90 3.25 -5.47
CA GLU B 272 -9.59 4.12 -6.41
C GLU B 272 -10.61 5.05 -5.76
N PRO B 273 -11.35 4.50 -4.83
CA PRO B 273 -12.42 5.19 -4.13
C PRO B 273 -11.93 6.35 -3.33
N LEU B 274 -10.73 6.22 -2.79
CA LEU B 274 -10.15 7.24 -1.97
C LEU B 274 -9.94 8.49 -2.75
N MET B 275 -9.64 8.30 -4.01
CA MET B 275 -9.35 9.41 -4.88
C MET B 275 -10.58 9.81 -5.67
N ARG B 276 -11.70 9.22 -5.35
CA ARG B 276 -12.93 9.53 -6.01
C ARG B 276 -13.82 10.23 -5.01
N TYR B 277 -13.82 11.56 -5.04
CA TYR B 277 -14.69 12.37 -4.19
C TYR B 277 -15.03 13.66 -4.90
N GLU B 278 -16.16 14.29 -4.59
CA GLU B 278 -16.52 15.54 -5.28
C GLU B 278 -15.58 16.70 -5.04
N THR B 279 -15.10 17.30 -6.11
CA THR B 279 -14.25 18.46 -5.96
C THR B 279 -14.07 19.13 -7.30
N LYS B 280 -13.31 20.19 -7.30
CA LYS B 280 -13.06 20.93 -8.50
C LYS B 280 -11.60 20.86 -8.88
N ASP B 281 -11.37 20.49 -10.12
CA ASP B 281 -10.05 20.36 -10.67
C ASP B 281 -9.56 21.66 -11.19
N PHE B 282 -8.26 21.73 -11.40
CA PHE B 282 -7.60 22.88 -11.96
C PHE B 282 -6.30 22.43 -12.54
N SER B 283 -5.74 23.23 -13.45
CA SER B 283 -4.51 22.90 -14.11
C SER B 283 -3.51 23.99 -13.91
N ILE B 284 -2.27 23.65 -13.69
CA ILE B 284 -1.28 24.65 -13.46
C ILE B 284 -0.01 24.30 -14.15
N MET B 285 0.71 25.28 -14.64
CA MET B 285 1.93 24.99 -15.31
C MET B 285 2.91 26.09 -15.09
N LYS B 286 4.17 25.76 -14.86
CA LYS B 286 5.22 26.75 -14.84
C LYS B 286 6.37 26.23 -15.67
N VAL B 287 6.86 27.03 -16.60
CA VAL B 287 7.97 26.65 -17.47
C VAL B 287 9.09 27.61 -17.26
N VAL B 288 10.27 27.09 -17.01
CA VAL B 288 11.40 27.94 -16.74
C VAL B 288 12.56 27.64 -17.64
N GLY B 289 13.18 28.67 -18.16
CA GLY B 289 14.34 28.51 -19.00
C GLY B 289 15.51 29.33 -18.51
N LYS B 290 16.68 28.70 -18.44
CA LYS B 290 17.89 29.35 -17.98
C LYS B 290 18.92 29.37 -19.08
N GLY B 291 19.49 30.53 -19.32
CA GLY B 291 20.41 30.72 -20.43
C GLY B 291 21.75 31.28 -20.01
N GLU B 292 22.62 31.49 -20.98
CA GLU B 292 23.93 32.00 -20.66
C GLU B 292 23.75 33.34 -19.99
N GLU B 293 22.98 34.23 -20.60
CA GLU B 293 22.63 35.48 -19.96
C GLU B 293 21.11 35.61 -19.95
N GLY B 294 20.55 35.70 -18.74
CA GLY B 294 19.11 35.85 -18.56
C GLY B 294 18.29 34.59 -18.31
N GLU B 295 17.11 34.77 -17.73
CA GLU B 295 16.17 33.69 -17.47
C GLU B 295 14.79 34.07 -17.96
N MET B 296 14.06 33.11 -18.49
CA MET B 296 12.73 33.36 -19.01
C MET B 296 11.73 32.47 -18.32
N GLU B 297 10.53 32.94 -18.03
CA GLU B 297 9.60 32.04 -17.38
C GLU B 297 8.12 32.29 -17.68
N PHE B 298 7.33 31.22 -17.74
CA PHE B 298 5.93 31.32 -18.08
C PHE B 298 5.08 30.61 -17.07
N PHE B 299 3.88 31.08 -16.84
CA PHE B 299 3.04 30.42 -15.88
C PHE B 299 1.60 30.46 -16.28
N LEU B 300 0.84 29.44 -15.94
CA LEU B 300 -0.58 29.47 -16.23
C LEU B 300 -1.39 28.72 -15.20
N TYR B 301 -2.57 29.23 -14.88
CA TYR B 301 -3.43 28.57 -13.96
C TYR B 301 -4.82 28.50 -14.54
N ASP B 302 -5.49 27.35 -14.51
CA ASP B 302 -6.83 27.26 -15.06
C ASP B 302 -7.74 26.45 -14.17
N GLU B 303 -9.04 26.64 -14.34
CA GLU B 303 -9.99 25.97 -13.50
C GLU B 303 -11.14 25.35 -14.26
N GLU B 304 -11.81 24.42 -13.61
CA GLU B 304 -12.93 23.72 -14.16
C GLU B 304 -14.01 24.74 -14.42
N ASP B 305 -14.89 24.42 -15.34
CA ASP B 305 -15.94 25.31 -15.77
C ASP B 305 -17.21 24.52 -15.82
N SER B 306 -18.24 25.13 -16.36
CA SER B 306 -19.56 24.54 -16.40
C SER B 306 -19.64 23.28 -17.20
N MET B 307 -18.88 23.21 -18.26
CA MET B 307 -18.92 22.04 -19.10
C MET B 307 -17.69 21.17 -19.08
N PHE B 308 -16.53 21.75 -18.81
CA PHE B 308 -15.32 21.00 -18.91
C PHE B 308 -14.39 21.16 -17.77
N SER B 309 -13.67 20.10 -17.51
CA SER B 309 -12.69 20.10 -16.48
C SER B 309 -11.62 20.97 -17.03
N SER B 310 -10.71 21.37 -16.17
CA SER B 310 -9.59 22.17 -16.59
C SER B 310 -8.69 21.41 -17.53
N MET B 311 -8.52 20.13 -17.27
CA MET B 311 -7.66 19.29 -18.08
C MET B 311 -8.21 19.18 -19.48
N SER B 312 -9.52 19.02 -19.57
CA SER B 312 -10.17 18.96 -20.83
C SER B 312 -10.04 20.28 -21.55
N ARG B 313 -10.22 21.37 -20.83
CA ARG B 313 -10.14 22.66 -21.44
C ARG B 313 -8.77 22.97 -21.96
N VAL B 314 -7.76 22.82 -21.15
CA VAL B 314 -6.43 23.11 -21.59
C VAL B 314 -5.90 22.20 -22.67
N THR B 315 -6.14 20.90 -22.54
CA THR B 315 -5.72 19.98 -23.56
C THR B 315 -6.52 20.10 -24.83
N GLY B 316 -7.83 20.05 -24.70
CA GLY B 316 -8.71 20.11 -25.83
C GLY B 316 -8.66 21.38 -26.61
N PHE B 317 -8.54 22.50 -25.94
CA PHE B 317 -8.44 23.75 -26.63
C PHE B 317 -7.18 23.92 -27.42
N THR B 318 -6.07 23.50 -26.85
CA THR B 318 -4.78 23.61 -27.50
C THR B 318 -4.72 22.82 -28.78
N ALA B 319 -5.29 21.65 -28.75
CA ALA B 319 -5.38 20.80 -29.89
C ALA B 319 -6.27 21.38 -30.96
N ALA B 320 -7.36 21.97 -30.53
CA ALA B 320 -8.31 22.64 -31.38
C ALA B 320 -7.75 23.85 -32.04
N ILE B 321 -6.95 24.60 -31.30
CA ILE B 321 -6.29 25.74 -31.81
C ILE B 321 -5.24 25.38 -32.83
N ILE B 322 -4.52 24.33 -32.53
CA ILE B 322 -3.48 23.83 -33.38
C ILE B 322 -4.05 23.37 -34.67
N SER B 323 -5.23 22.79 -34.60
CA SER B 323 -5.90 22.27 -35.74
C SER B 323 -6.22 23.35 -36.69
N ARG B 324 -6.61 24.49 -36.17
CA ARG B 324 -6.94 25.61 -37.00
C ARG B 324 -5.73 26.04 -37.77
N ILE B 325 -4.61 26.07 -37.10
CA ILE B 325 -3.38 26.50 -37.69
C ILE B 325 -3.01 25.57 -38.80
N VAL B 326 -3.16 24.29 -38.58
CA VAL B 326 -2.89 23.30 -39.57
C VAL B 326 -3.81 23.37 -40.77
N ALA B 327 -5.08 23.61 -40.53
CA ALA B 327 -6.09 23.71 -41.55
C ALA B 327 -5.89 24.91 -42.41
N GLU B 328 -5.11 25.85 -41.91
CA GLU B 328 -4.85 27.11 -42.55
C GLU B 328 -3.65 26.99 -43.42
N ASN B 329 -3.05 25.83 -43.46
CA ASN B 329 -1.92 25.59 -44.29
C ASN B 329 -0.68 26.35 -43.90
N THR B 330 -0.54 26.60 -42.62
CA THR B 330 0.61 27.28 -42.08
C THR B 330 1.90 26.49 -42.18
N CYS B 331 1.77 25.23 -41.89
CA CYS B 331 2.89 24.35 -41.83
C CYS B 331 3.30 23.66 -43.13
N THR B 332 4.49 23.12 -43.09
CA THR B 332 5.06 22.37 -44.16
C THR B 332 4.68 20.92 -44.03
N PHE B 333 5.09 20.12 -44.98
CA PHE B 333 4.82 18.72 -45.00
C PHE B 333 5.62 18.00 -43.93
N GLY B 334 5.17 16.83 -43.54
CA GLY B 334 5.88 16.01 -42.59
C GLY B 334 5.28 15.93 -41.21
N VAL B 335 6.06 15.41 -40.28
CA VAL B 335 5.64 15.24 -38.91
C VAL B 335 6.33 16.27 -38.04
N ILE B 336 5.53 17.15 -37.49
CA ILE B 336 6.01 18.27 -36.74
C ILE B 336 5.78 18.16 -35.27
N PRO B 337 6.86 18.26 -34.52
CA PRO B 337 6.78 18.30 -33.08
C PRO B 337 6.11 19.57 -32.71
N PRO B 338 5.35 19.58 -31.64
CA PRO B 338 4.64 20.76 -31.23
C PRO B 338 5.54 21.93 -30.85
N GLU B 339 6.73 21.66 -30.40
CA GLU B 339 7.63 22.71 -29.97
C GLU B 339 7.96 23.65 -31.09
N ILE B 340 7.79 23.19 -32.31
CA ILE B 340 8.03 24.02 -33.46
C ILE B 340 7.09 25.21 -33.51
N LEU B 341 5.87 25.01 -33.07
CA LEU B 341 4.89 26.06 -33.06
C LEU B 341 5.32 27.15 -32.13
N GLY B 342 6.00 26.79 -31.06
CA GLY B 342 6.59 27.70 -30.12
C GLY B 342 7.75 28.50 -30.64
N MET B 343 8.51 27.86 -31.49
CA MET B 343 9.71 28.39 -32.09
C MET B 343 9.43 29.45 -33.12
N ARG B 344 8.19 29.62 -33.48
CA ARG B 344 7.83 30.59 -34.49
C ARG B 344 7.02 31.65 -33.86
N GLU B 345 7.37 32.89 -34.11
CA GLU B 345 6.65 33.97 -33.49
C GLU B 345 5.21 34.07 -33.88
N ASP B 346 4.91 33.90 -35.15
CA ASP B 346 3.53 34.01 -35.55
C ASP B 346 2.66 32.95 -34.95
N THR B 347 3.16 31.75 -34.96
CA THR B 347 2.47 30.60 -34.45
C THR B 347 2.26 30.70 -32.96
N PHE B 348 3.31 31.09 -32.27
CA PHE B 348 3.29 31.21 -30.85
C PHE B 348 2.29 32.25 -30.36
N ARG B 349 2.25 33.39 -31.03
CA ARG B 349 1.36 34.46 -30.68
C ARG B 349 -0.07 34.09 -30.83
N ARG B 350 -0.36 33.41 -31.92
CA ARG B 350 -1.70 32.99 -32.21
C ARG B 350 -2.20 32.03 -31.18
N ILE B 351 -1.35 31.12 -30.78
CA ILE B 351 -1.70 30.19 -29.77
C ILE B 351 -1.92 30.92 -28.47
N ILE B 352 -1.03 31.81 -28.13
CA ILE B 352 -1.20 32.52 -26.90
C ILE B 352 -2.46 33.32 -26.93
N ASP B 353 -2.71 34.01 -28.03
CA ASP B 353 -3.87 34.84 -28.17
C ASP B 353 -5.16 34.08 -28.16
N GLU B 354 -5.18 32.97 -28.86
CA GLU B 354 -6.35 32.16 -28.92
C GLU B 354 -6.67 31.57 -27.57
N LEU B 355 -5.64 31.27 -26.81
CA LEU B 355 -5.86 30.72 -25.51
C LEU B 355 -6.53 31.75 -24.64
N LYS B 356 -6.08 32.98 -24.73
CA LYS B 356 -6.59 34.08 -23.93
C LYS B 356 -8.07 34.32 -24.16
N GLU B 357 -8.49 34.20 -25.38
CA GLU B 357 -9.87 34.41 -25.73
C GLU B 357 -10.75 33.38 -25.06
N ARG B 358 -10.18 32.23 -24.78
CA ARG B 358 -10.91 31.12 -24.22
C ARG B 358 -10.86 31.17 -22.73
N GLY B 359 -10.25 32.21 -22.19
CA GLY B 359 -10.18 32.34 -20.77
C GLY B 359 -8.93 31.79 -20.14
N ILE B 360 -7.95 31.47 -20.95
CA ILE B 360 -6.74 30.92 -20.41
C ILE B 360 -5.60 31.88 -20.51
N SER B 361 -5.22 32.44 -19.39
CA SER B 361 -4.17 33.40 -19.42
C SER B 361 -2.85 32.83 -19.00
N ILE B 362 -1.82 33.16 -19.75
CA ILE B 362 -0.50 32.69 -19.51
C ILE B 362 0.29 33.92 -19.37
N GLU B 363 1.10 34.03 -18.33
CA GLU B 363 1.86 35.24 -18.16
C GLU B 363 3.34 35.02 -18.38
N GLY B 364 4.02 36.06 -18.82
CA GLY B 364 5.43 36.01 -19.07
C GLY B 364 5.74 36.10 -20.55
S SO4 C . 5.66 -9.71 18.59
O1 SO4 C . 4.53 -8.87 18.15
O2 SO4 C . 5.31 -10.39 19.87
O3 SO4 C . 6.85 -8.87 18.77
O4 SO4 C . 5.97 -10.71 17.54
PA NAD D . -0.61 -20.85 12.83
O1A NAD D . 0.89 -21.00 12.60
O2A NAD D . -1.65 -19.90 12.12
O5B NAD D . -1.21 -22.24 12.61
C5B NAD D . -2.56 -22.20 13.11
C4B NAD D . -2.66 -23.86 13.09
O4B NAD D . -4.12 -24.10 13.32
C3B NAD D . -2.57 -24.24 11.42
O3B NAD D . -1.97 -25.57 11.21
C2B NAD D . -4.00 -24.34 10.98
O2B NAD D . -4.26 -25.42 10.00
C1B NAD D . -4.50 -25.08 12.25
N9A NAD D . -5.97 -24.80 11.83
C8A NAD D . -6.65 -23.51 11.36
N7A NAD D . -8.11 -23.71 11.41
C5A NAD D . -8.25 -25.01 11.74
C6A NAD D . -9.38 -25.79 11.81
N6A NAD D . -10.70 -25.39 11.48
N1A NAD D . -9.35 -27.10 12.26
C2A NAD D . -8.14 -27.81 12.65
N3A NAD D . -6.98 -26.95 12.43
C4A NAD D . -7.04 -25.63 12.03
O3 NAD D . -0.75 -20.52 14.51
PN NAD D . 0.52 -20.55 15.36
O1N NAD D . 1.35 -19.44 14.99
O2N NAD D . 1.05 -21.95 15.69
O5D NAD D . -0.23 -20.21 16.96
C5D NAD D . -1.55 -20.62 17.06
C4D NAD D . -2.24 -19.81 18.16
O4D NAD D . -1.14 -19.36 19.11
C3D NAD D . -2.63 -18.58 17.49
O3D NAD D . -3.84 -18.15 18.21
C2D NAD D . -1.59 -17.60 17.87
O2D NAD D . -2.25 -16.30 17.87
C1D NAD D . -1.26 -17.95 19.29
N1N NAD D . 0.11 -17.45 19.50
C2N NAD D . 0.23 -16.72 20.69
C3N NAD D . 1.41 -16.13 21.05
C7N NAD D . 1.67 -15.52 22.43
O7N NAD D . 2.99 -15.14 22.43
N7N NAD D . 0.84 -15.56 23.43
C4N NAD D . 2.55 -16.30 20.23
C5N NAD D . 2.48 -16.95 19.02
C6N NAD D . 1.22 -17.54 18.65
S SO4 E . -5.46 17.73 -46.90
O1 SO4 E . -6.80 17.61 -47.51
O2 SO4 E . -5.58 17.23 -45.51
O3 SO4 E . -5.01 19.16 -46.92
O4 SO4 E . -4.46 16.92 -47.67
PA NAD F . -10.37 8.73 -22.89
O1A NAD F . -11.36 9.66 -22.21
O2A NAD F . -9.59 7.29 -22.60
O5B NAD F . -11.23 8.09 -24.17
C5B NAD F . -10.54 7.59 -25.28
C4B NAD F . -11.82 7.60 -26.18
O4B NAD F . -11.25 6.72 -27.26
C3B NAD F . -12.99 6.73 -25.66
O3B NAD F . -14.17 7.34 -26.26
C2B NAD F . -12.87 5.33 -26.38
O2B NAD F . -14.08 4.62 -26.83
C1B NAD F . -12.33 5.84 -27.77
N9A NAD F . -11.85 4.52 -28.31
C8A NAD F . -11.04 3.50 -27.59
N7A NAD F . -10.77 2.41 -28.63
C5A NAD F . -11.44 2.72 -29.75
C6A NAD F . -11.46 2.10 -30.98
N6A NAD F . -10.91 0.83 -31.30
N1A NAD F . -12.21 2.74 -32.02
C2A NAD F . -12.86 3.96 -31.91
N3A NAD F . -12.63 4.55 -30.59
C4A NAD F . -12.03 3.98 -29.57
O3 NAD F . -9.16 9.63 -23.76
PN NAD F . -9.00 11.22 -23.46
O1N NAD F . -8.32 11.63 -22.10
O2N NAD F . -10.10 11.91 -24.31
O5D NAD F . -7.42 11.41 -24.51
C5D NAD F . -7.42 10.50 -25.62
C4D NAD F . -5.84 10.43 -25.82
O4D NAD F . -5.34 11.85 -25.46
C3D NAD F . -5.09 9.50 -24.95
O3D NAD F . -3.82 9.08 -25.79
C2D NAD F . -4.46 10.41 -23.93
O2D NAD F . -3.25 9.74 -23.39
C1D NAD F . -4.11 11.66 -24.70
N1N NAD F . -4.11 12.78 -23.60
C2N NAD F . -2.99 13.66 -23.61
C3N NAD F . -2.89 14.65 -22.65
C7N NAD F . -1.70 15.60 -22.62
O7N NAD F . -1.93 16.45 -21.54
N7N NAD F . -0.75 15.62 -23.63
C4N NAD F . -3.89 14.93 -21.72
C5N NAD F . -5.06 14.15 -21.72
C6N NAD F . -5.18 13.05 -22.68
#